data_6BQE
#
_entry.id   6BQE
#
_cell.length_a   95.708
_cell.length_b   95.708
_cell.length_c   187.530
_cell.angle_alpha   90.00
_cell.angle_beta   90.00
_cell.angle_gamma   90.00
#
_symmetry.space_group_name_H-M   'P 43 2 2'
#
loop_
_entity.id
_entity.type
_entity.pdbx_description
1 polymer 'Arogenate dehydratase'
2 non-polymer 'ACETATE ION'
3 water water
#
_entity_poly.entity_id   1
_entity_poly.type   'polypeptide(L)'
_entity_poly.pdbx_seq_one_letter_code
;MRGSHHHHHHIQESRLDRILESGVLRVATTGDYKPFSYRTEEGGYAGFDVDMAQRLAESLGAKLVVVPTSWPNLMRDFAD
DRFDIAMSGISINLERQRQAYFSIPYLRDGKTPITLCSEEARFQTLEQIDQPGVTAIVNPGGTNEKFARANLKKARILVH
PDNVTIFQQIVDGKADLMMTDAIEARLQSRLHPELCAVHPQQPFDFAEKAYLLPRDEAFKRYVDQWLHIAEQSGLLRQRM
EHWLEYRWPTAHGKL
;
_entity_poly.pdbx_strand_id   A,B,C
#
loop_
_chem_comp.id
_chem_comp.type
_chem_comp.name
_chem_comp.formula
ACT non-polymer 'ACETATE ION' 'C2 H3 O2 -1'
#
# COMPACT_ATOMS: atom_id res chain seq x y z
N GLU A 13 -3.67 -10.78 -22.77
CA GLU A 13 -3.06 -9.43 -23.02
C GLU A 13 -3.08 -8.57 -21.75
N SER A 14 -2.08 -8.78 -20.91
CA SER A 14 -1.46 -7.68 -20.20
C SER A 14 -0.22 -7.49 -21.03
N ARG A 15 0.25 -6.27 -21.09
CA ARG A 15 1.46 -6.05 -21.84
C ARG A 15 2.66 -6.68 -21.11
N LEU A 16 2.44 -7.12 -19.87
CA LEU A 16 3.40 -7.98 -19.18
C LEU A 16 3.68 -9.22 -19.98
N ASP A 17 2.61 -9.81 -20.50
CA ASP A 17 2.73 -10.94 -21.39
C ASP A 17 3.30 -10.53 -22.75
N ARG A 18 2.81 -9.41 -23.32
CA ARG A 18 3.34 -8.90 -24.59
C ARG A 18 4.88 -8.81 -24.48
N ILE A 19 5.34 -8.16 -23.40
CA ILE A 19 6.75 -7.94 -23.13
C ILE A 19 7.54 -9.24 -22.95
N LEU A 20 7.05 -10.13 -22.10
CA LEU A 20 7.74 -11.38 -21.83
C LEU A 20 7.99 -12.10 -23.13
N GLU A 21 6.92 -12.31 -23.92
CA GLU A 21 7.03 -12.87 -25.27
C GLU A 21 8.07 -12.10 -26.08
N SER A 22 7.75 -10.84 -26.40
CA SER A 22 8.69 -9.94 -27.08
C SER A 22 10.15 -10.11 -26.70
N GLY A 23 10.44 -10.09 -25.41
CA GLY A 23 11.78 -9.95 -24.92
C GLY A 23 12.20 -8.52 -25.14
N VAL A 24 11.22 -7.59 -25.13
CA VAL A 24 11.53 -6.16 -25.36
C VAL A 24 10.70 -5.18 -24.53
N LEU A 25 11.41 -4.28 -23.85
CA LEU A 25 10.83 -3.27 -22.99
C LEU A 25 11.14 -1.86 -23.49
N ARG A 26 10.12 -1.20 -24.00
CA ARG A 26 10.22 0.19 -24.43
C ARG A 26 10.11 1.12 -23.21
N VAL A 27 11.21 1.78 -22.86
CA VAL A 27 11.23 2.73 -21.74
C VAL A 27 11.43 4.17 -22.21
N ALA A 28 10.47 5.02 -21.88
CA ALA A 28 10.50 6.41 -22.30
C ALA A 28 11.28 7.22 -21.30
N THR A 29 12.21 8.02 -21.78
CA THR A 29 12.97 8.94 -20.91
C THR A 29 13.33 10.23 -21.64
N THR A 30 13.51 11.30 -20.91
CA THR A 30 13.71 12.61 -21.50
C THR A 30 15.18 12.93 -21.77
N GLY A 31 16.05 12.51 -20.85
CA GLY A 31 17.47 12.74 -21.01
C GLY A 31 17.89 14.16 -20.73
N ASP A 32 16.99 14.95 -20.12
CA ASP A 32 17.32 16.33 -19.74
C ASP A 32 17.36 16.53 -18.23
N TYR A 33 17.27 15.44 -17.47
CA TYR A 33 17.06 15.54 -16.03
C TYR A 33 18.05 14.70 -15.24
N LYS A 34 19.20 15.31 -14.97
CA LYS A 34 20.13 14.75 -14.02
C LYS A 34 19.52 14.94 -12.65
N PRO A 35 19.61 13.89 -11.79
CA PRO A 35 20.39 12.65 -11.90
C PRO A 35 19.62 11.42 -12.36
N PHE A 36 18.40 11.60 -12.84
CA PHE A 36 17.59 10.46 -13.24
C PHE A 36 17.81 9.99 -14.67
N SER A 37 18.10 10.94 -15.55
CA SER A 37 18.18 10.67 -16.98
C SER A 37 18.84 11.85 -17.73
N TYR A 38 20.05 11.59 -18.23
CA TYR A 38 20.80 12.55 -19.04
C TYR A 38 21.28 11.81 -20.27
N ARG A 39 21.23 12.48 -21.42
CA ARG A 39 21.75 11.90 -22.63
C ARG A 39 23.20 12.33 -22.80
N THR A 40 24.11 11.36 -22.72
CA THR A 40 25.54 11.66 -22.76
C THR A 40 25.88 12.27 -24.10
N GLU A 41 27.03 12.96 -24.13
CA GLU A 41 27.63 13.41 -25.39
C GLU A 41 28.19 12.22 -26.14
N GLU A 42 28.52 11.12 -25.44
CA GLU A 42 28.81 9.84 -26.08
C GLU A 42 27.54 9.24 -26.83
N GLY A 43 26.33 9.75 -26.55
CA GLY A 43 25.15 9.39 -27.30
C GLY A 43 24.25 8.55 -26.44
N GLY A 44 24.87 7.77 -25.56
CA GLY A 44 24.11 6.90 -24.71
C GLY A 44 23.30 7.72 -23.71
N TYR A 45 22.47 7.01 -22.98
CA TYR A 45 21.78 7.59 -21.86
C TYR A 45 22.52 7.20 -20.61
N ALA A 46 22.22 7.91 -19.53
CA ALA A 46 22.75 7.56 -18.21
C ALA A 46 21.90 8.21 -17.12
N GLY A 47 21.80 7.54 -15.97
CA GLY A 47 21.07 8.07 -14.83
C GLY A 47 20.45 6.96 -14.03
N PHE A 48 19.84 7.36 -12.92
CA PHE A 48 19.25 6.44 -11.98
C PHE A 48 18.13 5.65 -12.64
N ASP A 49 17.14 6.35 -13.10
CA ASP A 49 16.00 5.69 -13.70
C ASP A 49 16.41 4.84 -14.92
N VAL A 50 17.49 5.20 -15.59
CA VAL A 50 17.98 4.38 -16.70
C VAL A 50 18.57 3.07 -16.16
N ASP A 51 19.42 3.24 -15.16
CA ASP A 51 19.96 2.14 -14.43
C ASP A 51 18.81 1.21 -14.05
N MET A 52 17.85 1.79 -13.36
CA MET A 52 16.72 1.04 -12.86
C MET A 52 15.93 0.45 -14.00
N ALA A 53 15.87 1.16 -15.12
CA ALA A 53 15.15 0.65 -16.27
C ALA A 53 15.78 -0.63 -16.74
N GLN A 54 17.10 -0.62 -16.86
CA GLN A 54 17.84 -1.84 -17.24
C GLN A 54 17.46 -3.02 -16.35
N ARG A 55 17.52 -2.79 -15.05
CA ARG A 55 17.26 -3.84 -14.10
C ARG A 55 15.89 -4.43 -14.34
N LEU A 56 14.93 -3.56 -14.57
CA LEU A 56 13.61 -4.04 -14.86
C LEU A 56 13.62 -4.92 -16.10
N ALA A 57 14.24 -4.44 -17.17
CA ALA A 57 14.31 -5.23 -18.40
C ALA A 57 15.01 -6.54 -18.14
N GLU A 58 16.10 -6.51 -17.36
CA GLU A 58 16.80 -7.76 -17.02
C GLU A 58 15.84 -8.76 -16.39
N SER A 59 15.00 -8.27 -15.47
CA SER A 59 14.14 -9.13 -14.66
C SER A 59 13.08 -9.83 -15.49
N LEU A 60 12.80 -9.32 -16.68
CA LEU A 60 11.84 -9.92 -17.59
C LEU A 60 12.50 -10.56 -18.82
N GLY A 61 13.83 -10.70 -18.78
CA GLY A 61 14.60 -11.19 -19.94
C GLY A 61 14.27 -10.39 -21.18
N ALA A 62 14.11 -9.08 -20.99
CA ALA A 62 13.76 -8.18 -22.05
C ALA A 62 14.98 -7.41 -22.39
N LYS A 63 15.06 -6.96 -23.63
CA LYS A 63 16.09 -6.01 -24.04
C LYS A 63 15.56 -4.60 -23.76
N LEU A 64 16.44 -3.74 -23.25
CA LEU A 64 16.05 -2.35 -22.98
C LEU A 64 16.01 -1.46 -24.24
N VAL A 65 14.83 -1.06 -24.66
CA VAL A 65 14.74 -0.08 -25.72
C VAL A 65 14.41 1.24 -25.09
N VAL A 66 15.23 2.25 -25.32
CA VAL A 66 14.97 3.56 -24.74
C VAL A 66 14.30 4.46 -25.75
N VAL A 67 13.13 4.96 -25.38
CA VAL A 67 12.38 5.86 -26.22
C VAL A 67 12.51 7.29 -25.72
N PRO A 68 13.02 8.20 -26.58
CA PRO A 68 13.17 9.55 -26.13
C PRO A 68 11.81 10.18 -26.07
N THR A 69 11.63 11.09 -25.13
CA THR A 69 10.43 11.91 -25.03
C THR A 69 10.76 13.22 -24.32
N SER A 70 9.78 14.09 -24.22
CA SER A 70 9.98 15.40 -23.63
C SER A 70 8.77 15.69 -22.78
N TRP A 71 8.90 16.56 -21.81
CA TRP A 71 7.76 16.85 -20.96
C TRP A 71 6.55 17.29 -21.75
N PRO A 72 6.75 18.23 -22.68
CA PRO A 72 5.66 18.66 -23.54
C PRO A 72 5.00 17.52 -24.27
N ASN A 73 5.79 16.53 -24.67
CA ASN A 73 5.26 15.43 -25.45
C ASN A 73 4.98 14.19 -24.69
N LEU A 74 5.24 14.22 -23.40
CA LEU A 74 5.12 13.04 -22.60
C LEU A 74 3.76 12.36 -22.76
N MET A 75 2.68 13.12 -22.61
CA MET A 75 1.37 12.50 -22.53
C MET A 75 0.75 12.24 -23.92
N ARG A 76 1.17 13.02 -24.90
CA ARG A 76 0.93 12.65 -26.25
C ARG A 76 1.58 11.29 -26.50
N ASP A 77 2.87 11.22 -26.25
CA ASP A 77 3.63 9.99 -26.48
C ASP A 77 2.96 8.84 -25.76
N PHE A 78 2.48 9.11 -24.56
CA PHE A 78 1.85 8.08 -23.76
C PHE A 78 0.61 7.58 -24.47
N ALA A 79 -0.30 8.49 -24.77
CA ALA A 79 -1.54 8.12 -25.42
C ALA A 79 -1.30 7.46 -26.78
N ASP A 80 -0.25 7.85 -27.50
CA ASP A 80 0.07 7.19 -28.76
C ASP A 80 0.65 5.80 -28.54
N ASP A 81 0.79 5.41 -27.29
CA ASP A 81 1.43 4.15 -26.93
C ASP A 81 2.84 4.04 -27.49
N ARG A 82 3.58 5.14 -27.50
CA ARG A 82 4.94 5.07 -28.03
C ARG A 82 5.93 4.36 -27.06
N PHE A 83 5.44 3.78 -25.94
CA PHE A 83 6.33 3.10 -24.97
C PHE A 83 5.59 2.27 -23.95
N ASP A 84 6.34 1.46 -23.19
CA ASP A 84 5.76 0.55 -22.19
C ASP A 84 5.69 1.16 -20.78
N ILE A 85 6.63 2.01 -20.48
CA ILE A 85 6.71 2.66 -19.17
C ILE A 85 7.59 3.92 -19.34
N ALA A 86 7.38 4.90 -18.47
CA ALA A 86 8.22 6.07 -18.49
C ALA A 86 9.03 6.23 -17.20
N MET A 87 10.35 6.31 -17.36
CA MET A 87 11.26 6.35 -16.23
C MET A 87 12.19 7.54 -16.45
N SER A 88 11.95 8.62 -15.72
CA SER A 88 12.63 9.89 -16.02
C SER A 88 12.45 10.95 -14.91
N GLY A 89 12.47 10.55 -13.65
CA GLY A 89 12.21 11.53 -12.59
C GLY A 89 10.85 12.20 -12.70
N ILE A 90 9.83 11.37 -12.94
CA ILE A 90 8.51 11.85 -13.21
C ILE A 90 7.74 12.04 -11.93
N SER A 91 7.35 13.30 -11.66
CA SER A 91 6.49 13.67 -10.51
C SER A 91 5.08 13.14 -10.62
N ILE A 92 4.64 12.35 -9.65
CA ILE A 92 3.25 11.92 -9.61
C ILE A 92 2.34 13.13 -9.45
N ASN A 93 1.38 13.30 -10.35
CA ASN A 93 0.30 14.25 -10.14
C ASN A 93 -0.98 13.75 -10.81
N LEU A 94 -2.09 14.42 -10.48
CA LEU A 94 -3.44 13.90 -10.80
C LEU A 94 -3.83 14.17 -12.24
N GLU A 95 -3.42 15.33 -12.75
CA GLU A 95 -3.54 15.67 -14.18
C GLU A 95 -3.10 14.51 -15.04
N ARG A 96 -2.00 13.89 -14.63
CA ARG A 96 -1.53 12.66 -15.26
C ARG A 96 -2.32 11.42 -14.89
N GLN A 97 -2.69 11.32 -13.61
CA GLN A 97 -3.48 10.17 -13.14
C GLN A 97 -4.77 9.95 -14.00
N ARG A 98 -5.24 11.04 -14.60
CA ARG A 98 -6.40 11.03 -15.42
C ARG A 98 -6.33 10.03 -16.58
N GLN A 99 -5.16 9.82 -17.16
CA GLN A 99 -5.02 8.94 -18.34
C GLN A 99 -4.20 7.69 -18.05
N ALA A 100 -3.22 7.88 -17.18
CA ALA A 100 -2.19 6.92 -17.00
C ALA A 100 -2.18 6.44 -15.58
N TYR A 101 -1.48 5.34 -15.37
CA TYR A 101 -1.22 4.78 -14.06
C TYR A 101 0.17 5.22 -13.59
N PHE A 102 0.44 4.95 -12.32
CA PHE A 102 1.74 5.24 -11.73
C PHE A 102 2.16 4.09 -10.84
N SER A 103 3.45 3.75 -10.88
CA SER A 103 4.00 2.84 -9.92
C SER A 103 3.90 3.43 -8.53
N ILE A 104 4.26 2.60 -7.57
CA ILE A 104 4.48 3.08 -6.22
C ILE A 104 5.64 4.05 -6.28
N PRO A 105 5.67 5.04 -5.35
CA PRO A 105 6.69 6.04 -5.48
C PRO A 105 8.01 5.45 -5.09
N TYR A 106 9.07 6.01 -5.63
CA TYR A 106 10.42 5.67 -5.23
C TYR A 106 11.17 6.84 -4.58
N LEU A 107 10.51 8.00 -4.49
CA LEU A 107 11.11 9.17 -3.86
C LEU A 107 10.11 10.21 -3.45
N ARG A 108 10.27 10.74 -2.23
CA ARG A 108 9.46 11.86 -1.73
C ARG A 108 10.24 13.13 -2.00
N ASP A 109 9.55 14.24 -2.20
CA ASP A 109 10.21 15.50 -2.54
C ASP A 109 9.22 16.66 -2.49
N GLY A 110 9.49 17.74 -3.22
CA GLY A 110 8.60 18.88 -3.33
C GLY A 110 9.39 20.00 -3.96
N LYS A 111 8.73 21.05 -4.45
CA LYS A 111 9.40 22.14 -5.16
C LYS A 111 10.10 23.08 -4.24
N THR A 112 11.32 23.45 -4.57
CA THR A 112 12.02 24.45 -3.79
C THR A 112 12.93 25.31 -4.70
N PRO A 113 13.32 26.53 -4.27
CA PRO A 113 14.06 27.42 -5.18
C PRO A 113 15.49 27.08 -5.29
N ILE A 114 16.08 27.41 -6.45
CA ILE A 114 17.54 27.47 -6.61
C ILE A 114 17.89 28.84 -7.17
N THR A 115 18.96 29.44 -6.65
CA THR A 115 19.28 30.82 -6.94
C THR A 115 20.76 31.09 -6.72
N LEU A 116 21.20 32.29 -7.09
CA LEU A 116 22.57 32.70 -6.78
C LEU A 116 22.81 32.74 -5.28
N CYS A 117 23.90 32.08 -4.86
CA CYS A 117 24.21 31.96 -3.45
C CYS A 117 24.04 33.32 -2.82
N SER A 118 24.77 34.29 -3.35
CA SER A 118 24.69 35.67 -2.89
C SER A 118 23.26 36.14 -2.64
N GLU A 119 22.36 35.83 -3.55
CA GLU A 119 21.03 36.41 -3.49
C GLU A 119 20.04 35.64 -2.60
N GLU A 120 20.50 34.51 -2.07
CA GLU A 120 19.67 33.56 -1.34
C GLU A 120 18.59 34.22 -0.47
N ALA A 121 18.99 35.05 0.48
CA ALA A 121 18.07 35.62 1.48
C ALA A 121 16.77 36.22 0.86
N ARG A 122 16.87 36.68 -0.39
CA ARG A 122 15.77 37.36 -1.06
C ARG A 122 14.69 36.44 -1.59
N PHE A 123 14.94 35.14 -1.63
CA PHE A 123 14.01 34.17 -2.22
C PHE A 123 13.73 32.96 -1.28
N GLN A 124 13.30 33.26 -0.07
CA GLN A 124 13.04 32.23 0.92
C GLN A 124 11.59 31.76 0.87
N THR A 125 10.68 32.71 0.62
CA THR A 125 9.24 32.43 0.58
C THR A 125 8.60 32.78 -0.74
N LEU A 126 7.53 32.09 -1.09
CA LEU A 126 6.73 32.55 -2.23
C LEU A 126 6.42 34.02 -2.15
N GLU A 127 6.05 34.42 -0.95
CA GLU A 127 5.77 35.82 -0.62
C GLU A 127 6.85 36.76 -1.20
N GLN A 128 8.11 36.50 -0.87
CA GLN A 128 9.18 37.28 -1.47
C GLN A 128 9.20 37.12 -2.95
N ILE A 129 9.09 35.88 -3.39
CA ILE A 129 9.35 35.54 -4.77
C ILE A 129 8.31 36.08 -5.73
N ASP A 130 7.05 36.11 -5.35
CA ASP A 130 6.05 36.69 -6.24
C ASP A 130 6.04 38.23 -6.20
N GLN A 131 7.12 38.84 -6.66
CA GLN A 131 7.20 40.28 -6.74
C GLN A 131 7.38 40.65 -8.21
N PRO A 132 6.93 41.88 -8.58
CA PRO A 132 6.88 42.26 -9.99
C PRO A 132 8.24 42.35 -10.63
N GLY A 133 9.24 42.72 -9.83
CA GLY A 133 10.64 42.79 -10.32
C GLY A 133 11.39 41.47 -10.51
N VAL A 134 10.71 40.35 -10.33
CA VAL A 134 11.38 39.08 -10.29
C VAL A 134 11.12 38.25 -11.54
N THR A 135 12.16 37.50 -11.94
CA THR A 135 12.08 36.55 -13.05
C THR A 135 12.36 35.14 -12.57
N ALA A 136 11.36 34.29 -12.69
CA ALA A 136 11.56 32.87 -12.50
C ALA A 136 11.71 32.20 -13.86
N ILE A 137 12.69 31.32 -13.98
CA ILE A 137 12.89 30.56 -15.21
C ILE A 137 12.45 29.10 -14.95
N VAL A 138 11.76 28.49 -15.93
CA VAL A 138 11.36 27.09 -15.81
C VAL A 138 11.37 26.40 -17.14
N ASN A 139 11.52 25.08 -17.12
CA ASN A 139 11.42 24.31 -18.34
C ASN A 139 9.96 23.99 -18.63
N PRO A 140 9.59 23.95 -19.92
CA PRO A 140 8.20 23.88 -20.26
C PRO A 140 7.62 22.49 -20.16
N GLY A 141 6.33 22.45 -19.80
CA GLY A 141 5.51 21.27 -20.02
C GLY A 141 5.36 20.35 -18.86
N GLY A 142 6.01 20.65 -17.76
CA GLY A 142 6.03 19.75 -16.60
C GLY A 142 5.55 20.42 -15.34
N THR A 143 5.73 19.75 -14.21
CA THR A 143 5.29 20.28 -12.91
C THR A 143 5.99 21.61 -12.53
N ASN A 144 7.22 21.79 -13.00
CA ASN A 144 7.94 23.04 -12.76
C ASN A 144 7.18 24.22 -13.33
N GLU A 145 6.77 24.11 -14.60
CA GLU A 145 5.97 25.18 -15.24
C GLU A 145 4.62 25.31 -14.55
N LYS A 146 3.90 24.20 -14.51
CA LYS A 146 2.59 24.14 -13.88
C LYS A 146 2.62 24.79 -12.51
N PHE A 147 3.63 24.48 -11.70
CA PHE A 147 3.75 25.05 -10.37
C PHE A 147 4.03 26.56 -10.40
N ALA A 148 4.87 27.01 -11.34
CA ALA A 148 5.15 28.44 -11.44
C ALA A 148 3.89 29.20 -11.84
N ARG A 149 3.28 28.81 -12.97
CA ARG A 149 2.07 29.47 -13.47
C ARG A 149 1.01 29.54 -12.39
N ALA A 150 0.86 28.46 -11.65
CA ALA A 150 -0.14 28.40 -10.60
C ALA A 150 0.15 29.40 -9.46
N ASN A 151 1.42 29.72 -9.22
CA ASN A 151 1.80 30.42 -7.99
C ASN A 151 2.31 31.81 -8.18
N LEU A 152 2.72 32.15 -9.39
CA LEU A 152 3.29 33.46 -9.61
C LEU A 152 2.33 34.34 -10.39
N LYS A 153 1.55 35.10 -9.63
CA LYS A 153 0.56 36.00 -10.17
C LYS A 153 1.20 37.33 -10.53
N LYS A 154 2.36 37.64 -9.94
CA LYS A 154 3.01 38.96 -10.02
C LYS A 154 4.34 38.99 -10.79
N ALA A 155 5.15 37.96 -10.62
CA ALA A 155 6.48 37.91 -11.23
C ALA A 155 6.47 37.42 -12.69
N ARG A 156 7.62 37.50 -13.34
CA ARG A 156 7.74 37.18 -14.76
C ARG A 156 8.25 35.75 -14.84
N ILE A 157 7.67 34.95 -15.74
CA ILE A 157 8.03 33.54 -15.88
C ILE A 157 8.68 33.27 -17.22
N LEU A 158 9.97 33.00 -17.20
CA LEU A 158 10.73 32.79 -18.43
C LEU A 158 10.85 31.31 -18.74
N VAL A 159 10.46 30.93 -19.95
CA VAL A 159 10.43 29.53 -20.33
C VAL A 159 11.61 29.19 -21.19
N HIS A 160 12.45 28.32 -20.66
CA HIS A 160 13.67 27.93 -21.31
C HIS A 160 13.56 26.48 -21.72
N PRO A 161 13.59 26.22 -23.05
CA PRO A 161 13.27 24.88 -23.55
C PRO A 161 14.26 23.78 -23.11
N ASP A 162 15.57 24.07 -23.06
CA ASP A 162 16.57 23.05 -22.73
C ASP A 162 16.84 23.01 -21.24
N ASN A 163 16.40 21.94 -20.59
CA ASN A 163 16.51 21.86 -19.14
C ASN A 163 17.92 21.65 -18.70
N VAL A 164 18.76 21.01 -19.52
CA VAL A 164 20.17 20.83 -19.12
C VAL A 164 20.84 22.18 -18.92
N THR A 165 20.67 23.08 -19.88
CA THR A 165 21.32 24.37 -19.84
C THR A 165 20.67 25.38 -18.91
N ILE A 166 19.41 25.13 -18.58
CA ILE A 166 18.59 26.08 -17.82
C ILE A 166 19.25 26.73 -16.59
N PHE A 167 20.12 26.01 -15.90
CA PHE A 167 20.65 26.53 -14.63
C PHE A 167 21.77 27.51 -14.86
N GLN A 168 22.56 27.29 -15.91
CA GLN A 168 23.50 28.31 -16.35
C GLN A 168 22.82 29.69 -16.46
N GLN A 169 21.55 29.70 -16.87
CA GLN A 169 20.87 30.94 -17.11
C GLN A 169 20.90 31.81 -15.87
N ILE A 170 20.89 31.17 -14.72
CA ILE A 170 20.85 31.87 -13.46
C ILE A 170 22.25 32.33 -13.10
N VAL A 171 23.21 31.44 -13.31
CA VAL A 171 24.61 31.78 -13.19
C VAL A 171 24.86 33.01 -14.07
N ASP A 172 24.40 32.96 -15.32
CA ASP A 172 24.54 34.06 -16.28
C ASP A 172 23.70 35.26 -15.92
N GLY A 173 22.75 35.09 -15.03
CA GLY A 173 21.97 36.21 -14.56
C GLY A 173 20.85 36.58 -15.49
N LYS A 174 20.49 35.67 -16.39
CA LYS A 174 19.31 35.87 -17.24
C LYS A 174 17.99 35.63 -16.48
N ALA A 175 18.07 35.04 -15.28
CA ALA A 175 16.92 34.98 -14.38
C ALA A 175 17.39 34.96 -12.92
N ASP A 176 16.46 35.25 -12.02
CA ASP A 176 16.74 35.35 -10.60
C ASP A 176 16.78 33.97 -9.95
N LEU A 177 15.81 33.14 -10.24
CA LEU A 177 15.76 31.78 -9.66
C LEU A 177 14.91 30.84 -10.46
N MET A 178 15.03 29.56 -10.14
CA MET A 178 14.15 28.52 -10.63
C MET A 178 13.59 27.83 -9.41
N MET A 179 12.36 27.38 -9.52
CA MET A 179 11.80 26.52 -8.49
C MET A 179 11.60 25.15 -9.12
N THR A 180 12.38 24.20 -8.61
CA THR A 180 12.37 22.83 -9.06
C THR A 180 12.42 21.82 -7.89
N ASP A 181 12.50 20.54 -8.21
CA ASP A 181 12.55 19.49 -7.21
C ASP A 181 13.76 19.69 -6.34
N ALA A 182 13.59 19.59 -5.03
CA ALA A 182 14.66 19.90 -4.09
C ALA A 182 15.89 19.04 -4.39
N ILE A 183 15.67 17.84 -4.92
CA ILE A 183 16.81 17.01 -5.30
C ILE A 183 17.61 17.61 -6.45
N GLU A 184 16.95 18.16 -7.44
CA GLU A 184 17.63 18.81 -8.56
C GLU A 184 18.32 20.13 -8.14
N ALA A 185 17.66 20.89 -7.29
CA ALA A 185 18.29 22.06 -6.74
C ALA A 185 19.56 21.68 -5.99
N ARG A 186 19.49 20.63 -5.17
CA ARG A 186 20.67 20.08 -4.48
C ARG A 186 21.83 19.75 -5.43
N LEU A 187 21.49 19.13 -6.56
CA LEU A 187 22.48 18.65 -7.52
C LEU A 187 23.14 19.74 -8.32
N GLN A 188 22.33 20.68 -8.80
CA GLN A 188 22.82 21.74 -9.66
C GLN A 188 23.73 22.65 -8.94
N SER A 189 23.42 22.91 -7.67
CA SER A 189 24.26 23.76 -6.86
C SER A 189 25.61 23.15 -6.60
N ARG A 190 25.70 21.82 -6.65
CA ARG A 190 27.04 21.14 -6.65
C ARG A 190 27.76 21.50 -7.96
N LEU A 191 27.08 21.26 -9.08
CA LEU A 191 27.58 21.48 -10.43
C LEU A 191 27.81 22.94 -10.85
N HIS A 192 26.94 23.83 -10.41
CA HIS A 192 27.15 25.27 -10.55
C HIS A 192 27.42 25.85 -9.15
N PRO A 193 28.71 25.90 -8.76
CA PRO A 193 29.13 26.46 -7.48
C PRO A 193 28.43 27.75 -7.14
N GLU A 194 28.11 28.54 -8.17
CA GLU A 194 27.47 29.83 -7.98
C GLU A 194 26.08 29.72 -7.37
N LEU A 195 25.39 28.62 -7.65
CA LEU A 195 23.99 28.51 -7.30
C LEU A 195 23.81 27.84 -5.97
N CYS A 196 22.63 28.06 -5.40
CA CYS A 196 22.36 27.62 -4.05
C CYS A 196 20.92 27.21 -3.88
N ALA A 197 20.78 25.97 -3.41
CA ALA A 197 19.51 25.30 -3.26
C ALA A 197 18.86 25.79 -2.00
N VAL A 198 17.66 26.32 -2.09
CA VAL A 198 17.04 27.03 -0.99
C VAL A 198 16.16 26.12 -0.11
N HIS A 199 16.56 26.02 1.16
CA HIS A 199 15.95 25.14 2.13
C HIS A 199 15.33 23.93 1.44
N PRO A 200 16.16 23.06 0.86
CA PRO A 200 15.66 21.84 0.28
C PRO A 200 15.00 20.93 1.29
N GLN A 201 15.46 20.98 2.54
CA GLN A 201 14.87 20.20 3.65
C GLN A 201 13.38 20.53 3.79
N GLN A 202 12.98 21.74 3.40
CA GLN A 202 11.62 22.24 3.61
C GLN A 202 11.03 22.82 2.32
N PRO A 203 10.55 21.96 1.40
CA PRO A 203 10.06 22.42 0.12
C PRO A 203 8.67 22.95 0.24
N PHE A 204 8.27 23.75 -0.74
CA PHE A 204 7.03 24.51 -0.68
C PHE A 204 5.81 23.64 -0.76
N ASP A 205 5.91 22.48 -1.41
CA ASP A 205 4.80 21.55 -1.48
C ASP A 205 5.28 20.12 -1.42
N PHE A 206 4.37 19.17 -1.60
CA PHE A 206 4.72 17.77 -1.56
C PHE A 206 4.46 17.07 -2.90
N ALA A 207 5.44 16.30 -3.37
CA ALA A 207 5.19 15.38 -4.48
C ALA A 207 6.15 14.22 -4.53
N GLU A 208 5.74 13.18 -5.23
CA GLU A 208 6.50 11.92 -5.31
C GLU A 208 7.02 11.67 -6.70
N LYS A 209 8.08 10.86 -6.77
CA LYS A 209 8.56 10.36 -8.02
C LYS A 209 8.10 8.94 -8.11
N ALA A 210 7.67 8.57 -9.32
CA ALA A 210 7.17 7.25 -9.64
C ALA A 210 7.26 7.13 -11.14
N TYR A 211 7.08 5.90 -11.63
CA TYR A 211 7.15 5.62 -13.05
C TYR A 211 5.75 5.57 -13.65
N LEU A 212 5.60 6.24 -14.78
CA LEU A 212 4.31 6.36 -15.47
C LEU A 212 4.04 5.10 -16.22
N LEU A 213 2.85 4.56 -16.04
CA LEU A 213 2.48 3.29 -16.65
C LEU A 213 1.18 3.40 -17.40
N PRO A 214 0.96 2.52 -18.39
CA PRO A 214 -0.39 2.38 -18.95
C PRO A 214 -1.37 1.84 -17.89
N ARG A 215 -2.66 1.87 -18.20
CA ARG A 215 -3.64 1.31 -17.30
C ARG A 215 -3.67 -0.21 -17.47
N ASP A 216 -2.72 -0.89 -16.84
CA ASP A 216 -2.54 -2.34 -17.00
C ASP A 216 -2.19 -2.94 -15.63
N GLU A 217 -3.19 -3.57 -15.02
CA GLU A 217 -3.07 -3.96 -13.61
C GLU A 217 -1.93 -4.94 -13.43
N ALA A 218 -1.93 -5.98 -14.25
CA ALA A 218 -0.95 -7.05 -14.12
C ALA A 218 0.51 -6.56 -14.23
N PHE A 219 0.68 -5.52 -15.02
CA PHE A 219 1.97 -4.96 -15.26
C PHE A 219 2.39 -4.08 -14.10
N LYS A 220 1.49 -3.17 -13.72
CA LYS A 220 1.66 -2.36 -12.49
C LYS A 220 2.06 -3.26 -11.34
N ARG A 221 1.22 -4.24 -11.06
CA ARG A 221 1.46 -5.20 -9.99
C ARG A 221 2.85 -5.83 -10.09
N TYR A 222 3.35 -6.09 -11.29
CA TYR A 222 4.74 -6.57 -11.41
C TYR A 222 5.75 -5.49 -11.05
N VAL A 223 5.59 -4.34 -11.71
CA VAL A 223 6.54 -3.24 -11.56
C VAL A 223 6.65 -2.86 -10.10
N ASP A 224 5.49 -2.69 -9.48
CA ASP A 224 5.43 -2.49 -8.06
C ASP A 224 6.23 -3.56 -7.31
N GLN A 225 5.97 -4.84 -7.57
CA GLN A 225 6.67 -5.85 -6.81
C GLN A 225 8.16 -5.68 -6.96
N TRP A 226 8.58 -5.51 -8.21
CA TRP A 226 10.00 -5.29 -8.52
C TRP A 226 10.58 -4.12 -7.74
N LEU A 227 9.87 -2.99 -7.83
CA LEU A 227 10.33 -1.74 -7.24
C LEU A 227 10.30 -1.82 -5.73
N HIS A 228 9.26 -2.47 -5.22
CA HIS A 228 9.10 -2.68 -3.80
C HIS A 228 10.26 -3.48 -3.23
N ILE A 229 10.68 -4.51 -3.95
CA ILE A 229 11.84 -5.27 -3.54
C ILE A 229 13.09 -4.42 -3.55
N ALA A 230 13.34 -3.79 -4.68
CA ALA A 230 14.50 -2.95 -4.82
C ALA A 230 14.59 -1.98 -3.62
N GLU A 231 13.48 -1.31 -3.37
CA GLU A 231 13.36 -0.40 -2.24
C GLU A 231 13.81 -1.07 -0.97
N GLN A 232 13.10 -2.13 -0.58
CA GLN A 232 13.30 -2.84 0.68
C GLN A 232 14.66 -3.59 0.80
N SER A 233 15.22 -4.03 -0.32
CA SER A 233 16.56 -4.61 -0.28
C SER A 233 17.65 -3.56 0.02
N GLY A 234 17.35 -2.28 -0.17
CA GLY A 234 18.35 -1.19 -0.01
C GLY A 234 19.01 -0.81 -1.32
N LEU A 235 18.62 -1.51 -2.39
CA LEU A 235 19.21 -1.32 -3.70
C LEU A 235 18.77 0.01 -4.25
N LEU A 236 17.52 0.33 -4.05
CA LEU A 236 17.01 1.61 -4.45
C LEU A 236 17.84 2.75 -3.85
N ARG A 237 17.82 2.87 -2.51
CA ARG A 237 18.54 3.91 -1.79
C ARG A 237 20.04 3.90 -2.16
N GLN A 238 20.57 2.71 -2.45
CA GLN A 238 22.00 2.58 -2.76
C GLN A 238 22.35 3.19 -4.11
N ARG A 239 21.67 2.74 -5.15
CA ARG A 239 21.91 3.24 -6.49
C ARG A 239 21.54 4.71 -6.60
N MET A 240 20.50 5.09 -5.86
CA MET A 240 20.10 6.48 -5.78
C MET A 240 21.30 7.36 -5.43
N GLU A 241 21.93 7.05 -4.31
CA GLU A 241 23.04 7.84 -3.86
C GLU A 241 24.12 7.87 -4.90
N HIS A 242 24.46 6.69 -5.40
CA HIS A 242 25.48 6.55 -6.44
C HIS A 242 25.33 7.67 -7.43
N TRP A 243 24.15 7.73 -8.04
CA TRP A 243 23.92 8.67 -9.13
C TRP A 243 23.96 10.13 -8.68
N LEU A 244 23.60 10.39 -7.44
CA LEU A 244 23.73 11.74 -6.90
C LEU A 244 25.16 12.20 -6.77
N GLU A 245 26.01 11.32 -6.27
CA GLU A 245 27.41 11.68 -6.05
C GLU A 245 28.25 11.53 -7.31
N TYR A 246 27.65 10.89 -8.32
CA TYR A 246 28.23 10.72 -9.64
C TYR A 246 28.79 12.03 -10.24
N ARG A 247 29.91 11.96 -10.97
CA ARG A 247 30.57 13.18 -11.51
C ARG A 247 30.00 13.53 -12.88
N TRP A 248 28.86 14.21 -12.87
CA TRP A 248 28.20 14.69 -14.09
C TRP A 248 28.99 15.79 -14.77
N PRO A 249 28.81 15.97 -16.09
CA PRO A 249 29.26 17.23 -16.70
C PRO A 249 28.35 18.34 -16.22
N THR A 250 28.64 19.59 -16.59
CA THR A 250 27.88 20.69 -16.05
C THR A 250 26.66 21.04 -16.90
N ALA A 251 26.81 21.12 -18.21
CA ALA A 251 25.64 21.17 -19.05
C ALA A 251 25.77 19.98 -20.00
N HIS A 252 26.19 20.25 -21.24
CA HIS A 252 26.56 19.19 -22.12
C HIS A 252 28.11 19.15 -22.15
N GLU B 13 -13.28 2.39 -20.81
CA GLU B 13 -14.47 2.54 -19.91
C GLU B 13 -14.06 2.30 -18.45
N SER B 14 -13.53 3.35 -17.81
CA SER B 14 -13.58 3.51 -16.37
C SER B 14 -14.53 4.67 -16.13
N ARG B 15 -15.22 4.65 -15.00
CA ARG B 15 -16.11 5.76 -14.73
C ARG B 15 -15.30 7.01 -14.40
N LEU B 16 -13.99 6.85 -14.23
CA LEU B 16 -13.08 8.00 -14.23
C LEU B 16 -13.26 8.81 -15.50
N ASP B 17 -13.33 8.11 -16.61
CA ASP B 17 -13.56 8.75 -17.89
C ASP B 17 -15.01 9.26 -17.97
N ARG B 18 -15.96 8.44 -17.51
CA ARG B 18 -17.38 8.88 -17.51
C ARG B 18 -17.47 10.24 -16.82
N ILE B 19 -16.88 10.31 -15.64
CA ILE B 19 -16.90 11.48 -14.78
C ILE B 19 -16.22 12.68 -15.41
N LEU B 20 -15.01 12.45 -15.92
CA LEU B 20 -14.25 13.53 -16.55
C LEU B 20 -15.08 14.16 -17.67
N GLU B 21 -15.57 13.33 -18.62
CA GLU B 21 -16.53 13.76 -19.65
C GLU B 21 -17.71 14.52 -19.03
N SER B 22 -18.53 13.80 -18.26
CA SER B 22 -19.64 14.42 -17.50
C SER B 22 -19.34 15.78 -16.90
N GLY B 23 -18.26 15.88 -16.16
CA GLY B 23 -18.02 17.00 -15.28
C GLY B 23 -18.94 16.86 -14.10
N VAL B 24 -19.29 15.62 -13.73
CA VAL B 24 -20.20 15.40 -12.59
C VAL B 24 -19.87 14.17 -11.74
N LEU B 25 -19.75 14.42 -10.43
CA LEU B 25 -19.40 13.41 -9.43
C LEU B 25 -20.53 13.22 -8.42
N ARG B 26 -21.21 12.09 -8.53
CA ARG B 26 -22.26 11.71 -7.60
C ARG B 26 -21.63 11.12 -6.34
N VAL B 27 -21.74 11.83 -5.22
CA VAL B 27 -21.22 11.37 -3.93
C VAL B 27 -22.34 11.05 -2.95
N ALA B 28 -22.35 9.81 -2.49
CA ALA B 28 -23.35 9.35 -1.55
C ALA B 28 -22.92 9.61 -0.11
N THR B 29 -23.81 10.21 0.66
CA THR B 29 -23.56 10.48 2.07
C THR B 29 -24.85 10.42 2.89
N THR B 30 -24.72 10.11 4.17
CA THR B 30 -25.88 9.82 4.99
C THR B 30 -26.37 11.08 5.68
N GLY B 31 -25.45 11.93 6.11
CA GLY B 31 -25.84 13.15 6.79
C GLY B 31 -26.33 12.93 8.20
N ASP B 32 -26.09 11.74 8.75
CA ASP B 32 -26.39 11.46 10.16
C ASP B 32 -25.18 11.25 11.06
N TYR B 33 -23.99 11.53 10.53
CA TYR B 33 -22.77 11.16 11.21
C TYR B 33 -21.79 12.34 11.31
N LYS B 34 -21.96 13.13 12.36
CA LYS B 34 -20.94 14.11 12.71
C LYS B 34 -19.77 13.31 13.24
N PRO B 35 -18.54 13.69 12.83
CA PRO B 35 -18.14 14.92 12.12
C PRO B 35 -17.89 14.76 10.61
N PHE B 36 -18.26 13.63 10.05
CA PHE B 36 -17.97 13.36 8.65
C PHE B 36 -19.03 13.90 7.70
N SER B 37 -20.28 13.89 8.14
CA SER B 37 -21.42 14.21 7.30
C SER B 37 -22.69 14.46 8.15
N TYR B 38 -23.13 15.73 8.20
CA TYR B 38 -24.35 16.10 8.87
C TYR B 38 -25.14 16.92 7.90
N ARG B 39 -26.46 16.71 7.86
CA ARG B 39 -27.31 17.53 7.02
C ARG B 39 -27.81 18.70 7.83
N THR B 40 -27.42 19.91 7.42
CA THR B 40 -27.83 21.11 8.14
C THR B 40 -29.32 21.23 8.07
N GLU B 41 -29.91 21.99 8.98
CA GLU B 41 -31.37 22.28 8.92
C GLU B 41 -31.70 23.14 7.71
N GLU B 42 -30.68 23.81 7.20
CA GLU B 42 -30.79 24.40 5.85
C GLU B 42 -31.17 23.33 4.75
N GLY B 43 -30.77 22.07 4.92
CA GLY B 43 -30.94 21.07 3.88
C GLY B 43 -29.65 20.77 3.13
N GLY B 44 -28.72 21.71 3.23
CA GLY B 44 -27.35 21.50 2.78
C GLY B 44 -26.59 20.56 3.70
N TYR B 45 -25.43 20.14 3.23
CA TYR B 45 -24.61 19.21 3.98
C TYR B 45 -23.41 19.93 4.58
N ALA B 46 -22.75 19.28 5.54
CA ALA B 46 -21.49 19.77 6.10
C ALA B 46 -20.75 18.63 6.81
N GLY B 47 -19.42 18.69 6.80
CA GLY B 47 -18.60 17.68 7.43
C GLY B 47 -17.28 17.49 6.69
N PHE B 48 -16.45 16.65 7.28
CA PHE B 48 -15.14 16.31 6.72
C PHE B 48 -15.27 15.67 5.35
N ASP B 49 -15.92 14.52 5.30
CA ASP B 49 -15.99 13.78 4.06
C ASP B 49 -16.68 14.62 2.97
N VAL B 50 -17.52 15.57 3.37
CA VAL B 50 -18.16 16.47 2.39
C VAL B 50 -17.14 17.43 1.83
N ASP B 51 -16.45 18.05 2.75
CA ASP B 51 -15.34 18.89 2.41
C ASP B 51 -14.45 18.13 1.41
N MET B 52 -14.04 16.93 1.83
CA MET B 52 -13.13 16.13 1.03
C MET B 52 -13.78 15.72 -0.28
N ALA B 53 -15.08 15.50 -0.25
CA ALA B 53 -15.76 15.15 -1.48
C ALA B 53 -15.61 16.30 -2.46
N GLN B 54 -15.84 17.54 -2.01
CA GLN B 54 -15.70 18.71 -2.89
C GLN B 54 -14.33 18.75 -3.55
N ARG B 55 -13.29 18.57 -2.74
CA ARG B 55 -11.94 18.63 -3.22
C ARG B 55 -11.73 17.62 -4.33
N LEU B 56 -12.24 16.42 -4.13
CA LEU B 56 -12.18 15.41 -5.15
C LEU B 56 -12.86 15.89 -6.42
N ALA B 57 -14.08 16.37 -6.30
CA ALA B 57 -14.78 16.87 -7.48
C ALA B 57 -13.97 17.97 -8.15
N GLU B 58 -13.41 18.89 -7.35
CA GLU B 58 -12.59 19.97 -7.91
C GLU B 58 -11.49 19.41 -8.76
N SER B 59 -10.84 18.36 -8.26
CA SER B 59 -9.67 17.79 -8.91
C SER B 59 -9.97 17.18 -10.25
N LEU B 60 -11.24 16.86 -10.50
CA LEU B 60 -11.67 16.29 -11.78
C LEU B 60 -12.50 17.26 -12.59
N GLY B 61 -12.50 18.54 -12.19
CA GLY B 61 -13.36 19.53 -12.84
C GLY B 61 -14.79 19.04 -12.91
N ALA B 62 -15.24 18.39 -11.85
CA ALA B 62 -16.56 17.85 -11.77
C ALA B 62 -17.35 18.69 -10.81
N LYS B 63 -18.66 18.73 -11.02
CA LYS B 63 -19.58 19.38 -10.10
C LYS B 63 -19.95 18.35 -9.05
N LEU B 64 -19.98 18.77 -7.78
CA LEU B 64 -20.34 17.87 -6.68
C LEU B 64 -21.85 17.62 -6.55
N VAL B 65 -22.29 16.42 -6.89
CA VAL B 65 -23.68 16.10 -6.67
C VAL B 65 -23.71 15.23 -5.45
N VAL B 66 -24.44 15.64 -4.43
CA VAL B 66 -24.51 14.83 -3.22
C VAL B 66 -25.79 13.98 -3.25
N VAL B 67 -25.60 12.67 -3.14
CA VAL B 67 -26.69 11.73 -3.10
C VAL B 67 -26.93 11.25 -1.66
N PRO B 68 -28.13 11.49 -1.14
CA PRO B 68 -28.39 11.02 0.20
C PRO B 68 -28.52 9.53 0.17
N THR B 69 -28.10 8.90 1.26
CA THR B 69 -28.31 7.48 1.49
C THR B 69 -28.37 7.21 2.99
N SER B 70 -28.62 5.97 3.35
CA SER B 70 -28.73 5.56 4.73
C SER B 70 -28.00 4.24 4.88
N TRP B 71 -27.54 3.94 6.08
CA TRP B 71 -26.82 2.69 6.27
C TRP B 71 -27.61 1.48 5.77
N PRO B 72 -28.90 1.39 6.12
CA PRO B 72 -29.75 0.33 5.64
C PRO B 72 -29.80 0.26 4.14
N ASN B 73 -29.77 1.42 3.49
CA ASN B 73 -29.89 1.45 2.04
C ASN B 73 -28.60 1.57 1.31
N LEU B 74 -27.51 1.65 2.05
CA LEU B 74 -26.24 1.90 1.43
C LEU B 74 -25.93 0.93 0.28
N MET B 75 -26.06 -0.36 0.54
CA MET B 75 -25.60 -1.32 -0.45
C MET B 75 -26.64 -1.64 -1.53
N ARG B 76 -27.91 -1.45 -1.21
CA ARG B 76 -28.96 -1.42 -2.25
C ARG B 76 -28.59 -0.26 -3.18
N ASP B 77 -28.42 0.93 -2.60
CA ASP B 77 -28.09 2.11 -3.38
C ASP B 77 -26.87 1.86 -4.22
N PHE B 78 -25.88 1.20 -3.63
CA PHE B 78 -24.63 0.94 -4.32
C PHE B 78 -24.88 0.06 -5.51
N ALA B 79 -25.52 -1.08 -5.29
CA ALA B 79 -25.82 -1.99 -6.38
C ALA B 79 -26.69 -1.35 -7.44
N ASP B 80 -27.61 -0.47 -7.07
CA ASP B 80 -28.44 0.25 -8.06
C ASP B 80 -27.62 1.29 -8.79
N ASP B 81 -26.34 1.43 -8.43
CA ASP B 81 -25.46 2.44 -8.99
C ASP B 81 -25.99 3.84 -8.79
N ARG B 82 -26.61 4.07 -7.64
CA ARG B 82 -27.20 5.37 -7.37
C ARG B 82 -26.11 6.46 -7.09
N PHE B 83 -24.82 6.14 -7.26
CA PHE B 83 -23.73 7.11 -7.02
C PHE B 83 -22.35 6.64 -7.51
N ASP B 84 -21.38 7.54 -7.53
CA ASP B 84 -20.04 7.22 -8.00
C ASP B 84 -19.11 6.77 -6.88
N ILE B 85 -19.33 7.29 -5.68
CA ILE B 85 -18.49 7.00 -4.53
C ILE B 85 -19.29 7.35 -3.28
N ALA B 86 -18.96 6.71 -2.17
CA ALA B 86 -19.62 7.01 -0.94
C ALA B 86 -18.64 7.57 0.11
N MET B 87 -18.97 8.75 0.62
CA MET B 87 -18.09 9.44 1.56
C MET B 87 -18.90 9.91 2.78
N SER B 88 -18.74 9.21 3.89
CA SER B 88 -19.68 9.35 5.01
C SER B 88 -19.20 8.63 6.28
N GLY B 89 -17.91 8.66 6.57
CA GLY B 89 -17.40 7.94 7.74
C GLY B 89 -17.68 6.44 7.69
N ILE B 90 -17.41 5.86 6.54
CA ILE B 90 -17.79 4.48 6.28
C ILE B 90 -16.68 3.56 6.72
N SER B 91 -16.99 2.71 7.69
CA SER B 91 -16.07 1.65 8.18
C SER B 91 -15.78 0.57 7.16
N ILE B 92 -14.52 0.36 6.85
CA ILE B 92 -14.15 -0.75 5.97
C ILE B 92 -14.53 -2.05 6.66
N ASN B 93 -15.31 -2.89 5.97
CA ASN B 93 -15.49 -4.27 6.37
C ASN B 93 -15.67 -5.19 5.16
N LEU B 94 -15.59 -6.50 5.41
CA LEU B 94 -15.53 -7.50 4.35
C LEU B 94 -16.91 -7.78 3.69
N GLU B 95 -17.96 -7.80 4.53
CA GLU B 95 -19.33 -7.87 4.08
C GLU B 95 -19.56 -6.94 2.94
N ARG B 96 -18.99 -5.75 3.06
CA ARG B 96 -19.02 -4.78 2.00
C ARG B 96 -18.03 -5.10 0.89
N GLN B 97 -16.84 -5.53 1.26
CA GLN B 97 -15.80 -5.87 0.27
C GLN B 97 -16.31 -6.90 -0.77
N ARG B 98 -17.32 -7.67 -0.38
CA ARG B 98 -17.95 -8.65 -1.25
C ARG B 98 -18.51 -8.09 -2.57
N GLN B 99 -19.01 -6.87 -2.56
CA GLN B 99 -19.60 -6.28 -3.76
C GLN B 99 -18.84 -5.07 -4.29
N ALA B 100 -18.25 -4.34 -3.36
CA ALA B 100 -17.72 -3.03 -3.62
C ALA B 100 -16.26 -2.99 -3.32
N TYR B 101 -15.62 -1.93 -3.80
CA TYR B 101 -14.23 -1.61 -3.50
C TYR B 101 -14.17 -0.56 -2.41
N PHE B 102 -12.97 -0.35 -1.92
CA PHE B 102 -12.72 0.67 -0.91
C PHE B 102 -11.43 1.40 -1.25
N SER B 103 -11.42 2.69 -1.04
CA SER B 103 -10.17 3.45 -1.06
C SER B 103 -9.22 2.95 0.02
N ILE B 104 -8.01 3.50 -0.05
CA ILE B 104 -7.08 3.40 1.04
C ILE B 104 -7.72 4.10 2.22
N PRO B 105 -7.41 3.63 3.44
CA PRO B 105 -8.08 4.22 4.59
C PRO B 105 -7.56 5.60 4.82
N TYR B 106 -8.40 6.43 5.43
CA TYR B 106 -8.00 7.76 5.85
C TYR B 106 -8.08 7.93 7.37
N LEU B 107 -8.49 6.88 8.09
CA LEU B 107 -8.53 6.93 9.55
C LEU B 107 -8.58 5.57 10.19
N ARG B 108 -7.78 5.38 11.25
CA ARG B 108 -7.81 4.15 12.07
C ARG B 108 -8.73 4.40 13.21
N ASP B 109 -9.34 3.36 13.74
CA ASP B 109 -10.28 3.50 14.85
C ASP B 109 -10.67 2.13 15.38
N GLY B 110 -11.85 2.04 15.99
CA GLY B 110 -12.40 0.80 16.51
C GLY B 110 -13.56 1.16 17.40
N LYS B 111 -14.42 0.19 17.72
CA LYS B 111 -15.61 0.45 18.53
C LYS B 111 -15.29 0.63 20.00
N THR B 112 -15.87 1.65 20.62
CA THR B 112 -15.74 1.81 22.05
C THR B 112 -17.01 2.41 22.65
N PRO B 113 -17.23 2.24 23.97
CA PRO B 113 -18.51 2.68 24.54
C PRO B 113 -18.60 4.16 24.78
N ILE B 114 -19.81 4.69 24.74
CA ILE B 114 -20.13 6.00 25.28
C ILE B 114 -21.33 5.83 26.22
N THR B 115 -21.25 6.53 27.35
CA THR B 115 -22.20 6.32 28.45
C THR B 115 -22.27 7.54 29.33
N LEU B 116 -23.20 7.53 30.27
CA LEU B 116 -23.24 8.59 31.26
C LEU B 116 -21.96 8.61 32.07
N CYS B 117 -21.39 9.80 32.18
CA CYS B 117 -20.15 10.00 32.90
C CYS B 117 -20.18 9.26 34.25
N SER B 118 -21.16 9.61 35.07
CA SER B 118 -21.40 8.94 36.33
C SER B 118 -21.28 7.41 36.24
N GLU B 119 -21.83 6.82 35.18
CA GLU B 119 -21.96 5.34 35.12
C GLU B 119 -20.76 4.65 34.52
N GLU B 120 -19.80 5.46 34.08
CA GLU B 120 -18.62 4.97 33.40
C GLU B 120 -18.07 3.62 33.90
N ALA B 121 -17.68 3.55 35.17
CA ALA B 121 -17.00 2.38 35.71
C ALA B 121 -17.68 1.05 35.37
N ARG B 122 -18.98 1.09 35.16
CA ARG B 122 -19.77 -0.11 34.98
C ARG B 122 -19.66 -0.71 33.60
N PHE B 123 -19.10 0.03 32.64
CA PHE B 123 -19.12 -0.37 31.21
C PHE B 123 -17.73 -0.30 30.57
N GLN B 124 -16.76 -0.93 31.23
CA GLN B 124 -15.37 -0.85 30.80
C GLN B 124 -15.05 -1.98 29.84
N THR B 125 -15.64 -3.16 30.09
CA THR B 125 -15.42 -4.38 29.31
C THR B 125 -16.70 -4.94 28.69
N LEU B 126 -16.57 -5.61 27.54
CA LEU B 126 -17.68 -6.38 27.02
C LEU B 126 -18.29 -7.25 28.11
N GLU B 127 -17.40 -7.88 28.88
CA GLU B 127 -17.77 -8.71 30.00
C GLU B 127 -18.83 -8.02 30.88
N GLN B 128 -18.53 -6.80 31.34
CA GLN B 128 -19.51 -6.06 32.15
C GLN B 128 -20.75 -5.79 31.34
N ILE B 129 -20.53 -5.37 30.12
CA ILE B 129 -21.60 -4.84 29.30
C ILE B 129 -22.63 -5.92 28.91
N ASP B 130 -22.18 -7.13 28.61
CA ASP B 130 -23.13 -8.17 28.22
C ASP B 130 -23.82 -8.80 29.43
N GLN B 131 -24.63 -7.99 30.11
CA GLN B 131 -25.42 -8.46 31.24
C GLN B 131 -26.89 -8.25 30.91
N PRO B 132 -27.79 -9.08 31.49
CA PRO B 132 -29.21 -9.12 31.12
C PRO B 132 -29.91 -7.83 31.44
N GLY B 133 -29.47 -7.17 32.51
CA GLY B 133 -30.05 -5.88 32.91
C GLY B 133 -29.64 -4.66 32.08
N VAL B 134 -28.91 -4.86 31.00
CA VAL B 134 -28.31 -3.76 30.29
C VAL B 134 -28.99 -3.53 28.96
N THR B 135 -29.08 -2.25 28.59
CA THR B 135 -29.59 -1.82 27.29
C THR B 135 -28.52 -1.07 26.51
N ALA B 136 -28.13 -1.64 25.39
CA ALA B 136 -27.31 -0.93 24.45
C ALA B 136 -28.22 -0.38 23.34
N ILE B 137 -27.99 0.87 22.96
CA ILE B 137 -28.71 1.47 21.85
C ILE B 137 -27.75 1.62 20.65
N VAL B 138 -28.25 1.33 19.44
CA VAL B 138 -27.46 1.49 18.22
C VAL B 138 -28.32 1.91 17.03
N ASN B 139 -27.71 2.59 16.07
CA ASN B 139 -28.41 2.89 14.84
C ASN B 139 -28.35 1.74 13.85
N PRO B 140 -29.39 1.58 13.03
CA PRO B 140 -29.55 0.35 12.30
C PRO B 140 -28.78 0.35 11.01
N GLY B 141 -28.33 -0.86 10.65
CA GLY B 141 -27.90 -1.20 9.30
C GLY B 141 -26.42 -1.16 9.06
N GLY B 142 -25.65 -0.79 10.08
CA GLY B 142 -24.23 -0.53 9.93
C GLY B 142 -23.38 -1.35 10.87
N THR B 143 -22.09 -1.03 10.95
CA THR B 143 -21.15 -1.76 11.81
C THR B 143 -21.48 -1.64 13.32
N ASN B 144 -22.08 -0.53 13.72
CA ASN B 144 -22.54 -0.41 15.08
C ASN B 144 -23.53 -1.52 15.44
N GLU B 145 -24.56 -1.71 14.60
CA GLU B 145 -25.55 -2.78 14.83
C GLU B 145 -24.87 -4.13 14.74
N LYS B 146 -24.25 -4.36 13.59
CA LYS B 146 -23.55 -5.60 13.32
C LYS B 146 -22.67 -5.99 14.49
N PHE B 147 -21.92 -5.04 15.02
CA PHE B 147 -21.05 -5.30 16.15
C PHE B 147 -21.82 -5.65 17.40
N ALA B 148 -22.93 -4.95 17.66
CA ALA B 148 -23.70 -5.23 18.87
C ALA B 148 -24.29 -6.60 18.80
N ARG B 149 -25.02 -6.88 17.72
CA ARG B 149 -25.66 -8.20 17.52
C ARG B 149 -24.63 -9.31 17.67
N ALA B 150 -23.46 -9.11 17.11
CA ALA B 150 -22.41 -10.10 17.17
C ALA B 150 -21.89 -10.33 18.58
N ASN B 151 -21.95 -9.32 19.45
CA ASN B 151 -21.27 -9.36 20.75
C ASN B 151 -22.16 -9.40 21.97
N LEU B 152 -23.43 -9.07 21.81
CA LEU B 152 -24.28 -9.06 22.96
C LEU B 152 -25.28 -10.21 22.93
N LYS B 153 -24.90 -11.30 23.61
CA LYS B 153 -25.70 -12.52 23.73
C LYS B 153 -26.71 -12.44 24.90
N LYS B 154 -26.45 -11.56 25.87
CA LYS B 154 -27.25 -11.41 27.12
C LYS B 154 -28.05 -10.09 27.23
N ALA B 155 -27.46 -8.97 26.83
CA ALA B 155 -28.09 -7.67 26.99
C ALA B 155 -29.14 -7.34 25.93
N ARG B 156 -29.88 -6.25 26.13
CA ARG B 156 -30.98 -5.87 25.22
C ARG B 156 -30.44 -4.81 24.28
N ILE B 157 -30.77 -4.95 23.01
CA ILE B 157 -30.24 -4.07 21.98
C ILE B 157 -31.35 -3.24 21.39
N LEU B 158 -31.33 -1.94 21.69
CA LEU B 158 -32.37 -1.04 21.23
C LEU B 158 -31.95 -0.35 19.96
N VAL B 159 -32.79 -0.44 18.94
CA VAL B 159 -32.49 0.15 17.62
C VAL B 159 -33.20 1.48 17.41
N HIS B 160 -32.40 2.54 17.31
CA HIS B 160 -32.90 3.88 17.22
C HIS B 160 -32.57 4.37 15.83
N PRO B 161 -33.61 4.58 15.03
CA PRO B 161 -33.39 4.88 13.62
C PRO B 161 -32.57 6.17 13.37
N ASP B 162 -32.78 7.24 14.13
CA ASP B 162 -32.08 8.51 13.85
C ASP B 162 -30.77 8.61 14.59
N ASN B 163 -29.67 8.56 13.86
CA ASN B 163 -28.38 8.54 14.52
C ASN B 163 -28.02 9.90 15.13
N VAL B 164 -28.50 11.00 14.56
CA VAL B 164 -28.18 12.31 15.16
C VAL B 164 -28.72 12.38 16.59
N THR B 165 -29.96 11.98 16.76
CA THR B 165 -30.62 12.09 18.05
C THR B 165 -30.17 11.01 19.04
N ILE B 166 -29.66 9.90 18.51
CA ILE B 166 -29.41 8.70 19.31
C ILE B 166 -28.70 8.90 20.66
N PHE B 167 -27.86 9.90 20.76
CA PHE B 167 -27.05 10.04 21.97
C PHE B 167 -27.83 10.71 23.07
N GLN B 168 -28.74 11.63 22.74
CA GLN B 168 -29.70 12.18 23.71
C GLN B 168 -30.41 11.06 24.46
N GLN B 169 -30.64 9.94 23.80
CA GLN B 169 -31.35 8.84 24.41
C GLN B 169 -30.66 8.37 25.67
N ILE B 170 -29.34 8.51 25.70
CA ILE B 170 -28.56 8.07 26.84
C ILE B 170 -28.60 9.14 27.91
N VAL B 171 -28.45 10.38 27.48
CA VAL B 171 -28.64 11.51 28.35
C VAL B 171 -30.00 11.41 29.03
N ASP B 172 -31.02 11.14 28.22
CA ASP B 172 -32.39 10.95 28.71
C ASP B 172 -32.55 9.68 29.52
N GLY B 173 -31.60 8.77 29.41
CA GLY B 173 -31.65 7.54 30.20
C GLY B 173 -32.53 6.46 29.60
N LYS B 174 -32.86 6.57 28.32
CA LYS B 174 -33.59 5.51 27.63
C LYS B 174 -32.69 4.32 27.28
N ALA B 175 -31.38 4.49 27.41
CA ALA B 175 -30.46 3.36 27.32
C ALA B 175 -29.22 3.63 28.18
N ASP B 176 -28.50 2.55 28.47
CA ASP B 176 -27.31 2.62 29.31
C ASP B 176 -26.11 3.14 28.54
N LEU B 177 -25.87 2.60 27.36
CA LEU B 177 -24.72 3.02 26.54
C LEU B 177 -24.89 2.69 25.09
N MET B 178 -24.00 3.26 24.28
CA MET B 178 -23.85 2.90 22.90
C MET B 178 -22.39 2.54 22.69
N MET B 179 -22.13 1.59 21.79
CA MET B 179 -20.78 1.30 21.37
C MET B 179 -20.67 1.70 19.92
N THR B 180 -19.85 2.72 19.72
CA THR B 180 -19.61 3.30 18.42
C THR B 180 -18.11 3.59 18.18
N ASP B 181 -17.80 4.20 17.05
CA ASP B 181 -16.43 4.57 16.73
C ASP B 181 -15.90 5.51 17.79
N ALA B 182 -14.68 5.24 18.25
CA ALA B 182 -14.11 6.02 19.33
C ALA B 182 -14.09 7.51 19.00
N ILE B 183 -13.94 7.85 17.73
CA ILE B 183 -14.00 9.26 17.34
C ILE B 183 -15.36 9.88 17.61
N GLU B 184 -16.44 9.16 17.30
CA GLU B 184 -17.79 9.68 17.52
C GLU B 184 -18.07 9.79 19.04
N ALA B 185 -17.64 8.79 19.78
CA ALA B 185 -17.80 8.84 21.21
C ALA B 185 -17.10 10.09 21.72
N ARG B 186 -15.87 10.32 21.27
CA ARG B 186 -15.14 11.49 21.66
C ARG B 186 -15.96 12.78 21.40
N LEU B 187 -16.59 12.84 20.24
CA LEU B 187 -17.29 14.06 19.79
C LEU B 187 -18.55 14.32 20.55
N GLN B 188 -19.34 13.27 20.76
CA GLN B 188 -20.65 13.41 21.36
C GLN B 188 -20.52 13.81 22.78
N SER B 189 -19.50 13.28 23.44
CA SER B 189 -19.25 13.63 24.84
C SER B 189 -18.83 15.07 24.98
N ARG B 190 -18.27 15.67 23.92
CA ARG B 190 -18.11 17.11 23.87
C ARG B 190 -19.49 17.81 23.84
N LEU B 191 -20.31 17.42 22.85
CA LEU B 191 -21.67 17.96 22.61
C LEU B 191 -22.74 17.65 23.66
N HIS B 192 -22.68 16.44 24.24
CA HIS B 192 -23.49 16.07 25.40
C HIS B 192 -22.58 15.94 26.61
N PRO B 193 -22.36 17.06 27.33
CA PRO B 193 -21.56 17.09 28.54
C PRO B 193 -21.82 15.91 29.48
N GLU B 194 -23.05 15.42 29.49
CA GLU B 194 -23.42 14.32 30.35
C GLU B 194 -22.69 13.04 30.03
N LEU B 195 -22.37 12.85 28.75
CA LEU B 195 -21.86 11.58 28.26
C LEU B 195 -20.35 11.53 28.27
N CYS B 196 -19.82 10.32 28.28
CA CYS B 196 -18.40 10.10 28.48
C CYS B 196 -17.93 8.94 27.67
N ALA B 197 -16.92 9.22 26.87
CA ALA B 197 -16.36 8.28 25.93
C ALA B 197 -15.43 7.37 26.65
N VAL B 198 -15.67 6.07 26.56
CA VAL B 198 -14.97 5.09 27.38
C VAL B 198 -13.69 4.53 26.75
N HIS B 199 -12.56 4.82 27.40
CA HIS B 199 -11.24 4.48 26.90
C HIS B 199 -11.18 4.47 25.38
N PRO B 200 -11.38 5.63 24.77
CA PRO B 200 -11.28 5.69 23.31
C PRO B 200 -9.90 5.32 22.77
N GLN B 201 -8.85 5.61 23.55
CA GLN B 201 -7.48 5.28 23.17
C GLN B 201 -7.39 3.76 22.91
N GLN B 202 -8.26 2.99 23.57
CA GLN B 202 -8.19 1.55 23.53
C GLN B 202 -9.53 0.93 23.21
N PRO B 203 -9.90 0.91 21.92
CA PRO B 203 -11.18 0.38 21.49
C PRO B 203 -11.18 -1.16 21.43
N PHE B 204 -12.39 -1.73 21.46
CA PHE B 204 -12.58 -3.18 21.59
C PHE B 204 -12.13 -3.94 20.35
N ASP B 205 -12.18 -3.31 19.18
CA ASP B 205 -11.69 -3.96 17.97
C ASP B 205 -11.01 -2.94 17.07
N PHE B 206 -10.61 -3.37 15.88
CA PHE B 206 -9.94 -2.49 14.94
C PHE B 206 -10.77 -2.30 13.66
N ALA B 207 -10.92 -1.07 13.21
CA ALA B 207 -11.45 -0.85 11.87
C ALA B 207 -11.04 0.49 11.32
N GLU B 208 -11.12 0.59 9.99
CA GLU B 208 -10.66 1.78 9.26
C GLU B 208 -11.82 2.50 8.61
N LYS B 209 -11.61 3.80 8.36
CA LYS B 209 -12.51 4.55 7.56
C LYS B 209 -11.88 4.71 6.20
N ALA B 210 -12.73 4.60 5.18
CA ALA B 210 -12.33 4.64 3.78
C ALA B 210 -13.57 4.93 3.02
N TYR B 211 -13.41 5.29 1.74
CA TYR B 211 -14.54 5.60 0.86
C TYR B 211 -14.90 4.39 0.02
N LEU B 212 -16.19 4.11 -0.01
CA LEU B 212 -16.74 3.00 -0.78
C LEU B 212 -16.78 3.33 -2.26
N LEU B 213 -16.23 2.42 -3.07
CA LEU B 213 -16.12 2.62 -4.51
C LEU B 213 -16.70 1.46 -5.28
N PRO B 214 -17.11 1.68 -6.53
CA PRO B 214 -17.42 0.56 -7.42
C PRO B 214 -16.16 -0.24 -7.71
N ARG B 215 -16.31 -1.42 -8.33
CA ARG B 215 -15.13 -2.19 -8.74
C ARG B 215 -14.54 -1.64 -10.02
N ASP B 216 -13.79 -0.56 -9.90
CA ASP B 216 -13.26 0.16 -11.04
C ASP B 216 -11.80 0.54 -10.71
N GLU B 217 -10.84 -0.19 -11.29
CA GLU B 217 -9.44 -0.07 -10.91
C GLU B 217 -8.94 1.34 -11.15
N ALA B 218 -9.16 1.83 -12.37
CA ALA B 218 -8.66 3.13 -12.77
C ALA B 218 -9.13 4.27 -11.89
N PHE B 219 -10.34 4.11 -11.39
CA PHE B 219 -10.95 5.11 -10.54
C PHE B 219 -10.43 5.05 -9.12
N LYS B 220 -10.43 3.84 -8.56
CA LYS B 220 -9.73 3.56 -7.32
C LYS B 220 -8.32 4.15 -7.32
N ARG B 221 -7.51 3.71 -8.28
CA ARG B 221 -6.16 4.22 -8.42
C ARG B 221 -6.14 5.72 -8.37
N TYR B 222 -7.12 6.40 -8.98
CA TYR B 222 -7.13 7.88 -8.94
C TYR B 222 -7.44 8.40 -7.56
N VAL B 223 -8.55 7.88 -7.02
CA VAL B 223 -9.00 8.28 -5.71
C VAL B 223 -7.88 8.09 -4.69
N ASP B 224 -7.29 6.90 -4.72
CA ASP B 224 -6.10 6.63 -3.90
C ASP B 224 -5.02 7.67 -4.08
N GLN B 225 -4.64 7.96 -5.32
CA GLN B 225 -3.58 8.94 -5.52
C GLN B 225 -3.97 10.26 -4.88
N TRP B 226 -5.19 10.70 -5.17
CA TRP B 226 -5.70 11.93 -4.58
C TRP B 226 -5.61 11.94 -3.05
N LEU B 227 -6.12 10.86 -2.47
CA LEU B 227 -6.24 10.74 -1.03
C LEU B 227 -4.87 10.60 -0.41
N HIS B 228 -4.03 9.84 -1.10
CA HIS B 228 -2.66 9.64 -0.68
C HIS B 228 -1.88 10.94 -0.60
N ILE B 229 -2.07 11.79 -1.59
CA ILE B 229 -1.48 13.13 -1.54
C ILE B 229 -2.02 13.92 -0.35
N ALA B 230 -3.34 14.02 -0.28
CA ALA B 230 -3.97 14.79 0.76
C ALA B 230 -3.34 14.39 2.09
N GLU B 231 -3.30 13.07 2.32
CA GLU B 231 -2.76 12.50 3.53
C GLU B 231 -1.39 13.06 3.75
N GLN B 232 -0.49 12.80 2.80
CA GLN B 232 0.94 13.15 2.91
C GLN B 232 1.26 14.62 2.84
N SER B 233 0.41 15.42 2.22
CA SER B 233 0.57 16.87 2.28
C SER B 233 0.24 17.43 3.69
N GLY B 234 -0.49 16.66 4.52
CA GLY B 234 -0.94 17.13 5.85
C GLY B 234 -2.34 17.72 5.82
N LEU B 235 -2.93 17.76 4.62
CA LEU B 235 -4.23 18.36 4.40
C LEU B 235 -5.31 17.50 5.03
N LEU B 236 -5.13 16.20 4.89
CA LEU B 236 -6.02 15.26 5.52
C LEU B 236 -6.12 15.52 7.03
N ARG B 237 -5.00 15.31 7.75
CA ARG B 237 -4.95 15.47 9.22
C ARG B 237 -5.39 16.89 9.60
N GLN B 238 -5.13 17.88 8.73
CA GLN B 238 -5.51 19.26 9.01
C GLN B 238 -7.00 19.48 9.01
N ARG B 239 -7.63 19.16 7.90
CA ARG B 239 -9.07 19.34 7.76
C ARG B 239 -9.82 18.45 8.73
N MET B 240 -9.26 17.28 8.98
CA MET B 240 -9.81 16.37 9.96
C MET B 240 -10.04 17.09 11.27
N GLU B 241 -8.98 17.66 11.81
CA GLU B 241 -9.06 18.33 13.06
C GLU B 241 -10.09 19.42 13.01
N HIS B 242 -9.98 20.26 11.98
CA HIS B 242 -10.91 21.35 11.80
C HIS B 242 -12.32 20.91 12.16
N TRP B 243 -12.78 19.88 11.47
CA TRP B 243 -14.15 19.44 11.62
C TRP B 243 -14.43 18.86 12.99
N LEU B 244 -13.44 18.28 13.64
CA LEU B 244 -13.63 17.83 15.01
C LEU B 244 -13.86 18.96 16.00
N GLU B 245 -13.10 20.04 15.87
CA GLU B 245 -13.19 21.15 16.82
C GLU B 245 -14.29 22.11 16.42
N TYR B 246 -14.82 21.90 15.20
CA TYR B 246 -15.98 22.64 14.69
C TYR B 246 -17.19 22.69 15.66
N ARG B 247 -17.91 23.81 15.71
CA ARG B 247 -19.01 23.98 16.68
C ARG B 247 -20.32 23.51 16.11
N TRP B 248 -20.54 22.20 16.20
CA TRP B 248 -21.78 21.55 15.73
C TRP B 248 -22.97 21.92 16.58
N PRO B 249 -24.19 21.79 16.05
CA PRO B 249 -25.35 21.82 16.92
C PRO B 249 -25.39 20.50 17.68
N THR B 250 -26.33 20.34 18.61
CA THR B 250 -26.30 19.16 19.45
C THR B 250 -27.07 18.01 18.83
N ALA B 251 -28.25 18.27 18.32
CA ALA B 251 -28.91 17.24 17.54
C ALA B 251 -29.19 17.91 16.24
N HIS B 252 -30.43 18.31 16.03
CA HIS B 252 -30.73 19.11 14.90
C HIS B 252 -30.91 20.56 15.43
N GLU C 13 -17.69 -11.26 -13.50
CA GLU C 13 -16.91 -12.52 -13.36
C GLU C 13 -15.57 -12.22 -12.68
N SER C 14 -15.57 -12.14 -11.34
CA SER C 14 -14.38 -12.36 -10.53
C SER C 14 -14.63 -13.68 -9.86
N ARG C 15 -13.56 -14.41 -9.57
CA ARG C 15 -13.76 -15.68 -8.93
C ARG C 15 -14.20 -15.45 -7.48
N LEU C 16 -14.13 -14.21 -7.03
CA LEU C 16 -14.78 -13.81 -5.79
C LEU C 16 -16.24 -14.16 -5.84
N ASP C 17 -16.86 -13.83 -6.94
CA ASP C 17 -18.26 -14.17 -7.16
C ASP C 17 -18.41 -15.68 -7.34
N ARG C 18 -17.51 -16.29 -8.12
CA ARG C 18 -17.56 -17.74 -8.35
C ARG C 18 -17.63 -18.41 -6.99
N ILE C 19 -16.72 -18.01 -6.12
CA ILE C 19 -16.57 -18.57 -4.79
C ILE C 19 -17.77 -18.35 -3.88
N LEU C 20 -18.21 -17.10 -3.83
CA LEU C 20 -19.36 -16.75 -3.02
C LEU C 20 -20.53 -17.64 -3.39
N GLU C 21 -20.88 -17.67 -4.67
CA GLU C 21 -21.87 -18.61 -5.18
C GLU C 21 -21.57 -20.03 -4.75
N SER C 22 -20.49 -20.60 -5.27
CA SER C 22 -20.01 -21.94 -4.91
C SER C 22 -20.21 -22.26 -3.45
N GLY C 23 -19.76 -21.37 -2.57
CA GLY C 23 -19.62 -21.69 -1.17
C GLY C 23 -18.41 -22.61 -1.04
N VAL C 24 -17.43 -22.48 -1.95
CA VAL C 24 -16.24 -23.33 -1.90
C VAL C 24 -14.95 -22.65 -2.33
N LEU C 25 -13.95 -22.77 -1.47
CA LEU C 25 -12.62 -22.17 -1.61
C LEU C 25 -11.53 -23.26 -1.68
N ARG C 26 -11.00 -23.49 -2.87
CA ARG C 26 -9.91 -24.39 -3.08
C ARG C 26 -8.61 -23.71 -2.67
N VAL C 27 -8.01 -24.16 -1.57
CA VAL C 27 -6.74 -23.63 -1.12
C VAL C 27 -5.59 -24.64 -1.30
N ALA C 28 -4.56 -24.23 -2.05
CA ALA C 28 -3.42 -25.08 -2.33
C ALA C 28 -2.37 -24.93 -1.22
N THR C 29 -1.91 -26.07 -0.71
CA THR C 29 -0.85 -26.10 0.30
C THR C 29 0.03 -27.33 0.18
N THR C 30 1.27 -27.23 0.65
CA THR C 30 2.26 -28.29 0.44
C THR C 30 2.28 -29.29 1.56
N GLY C 31 2.11 -28.82 2.79
CA GLY C 31 2.10 -29.70 3.94
C GLY C 31 3.47 -30.20 4.36
N ASP C 32 4.54 -29.58 3.84
CA ASP C 32 5.91 -29.91 4.26
C ASP C 32 6.61 -28.81 5.06
N TYR C 33 5.87 -27.75 5.37
CA TYR C 33 6.48 -26.52 5.88
C TYR C 33 5.83 -26.06 7.20
N LYS C 34 6.32 -26.61 8.31
CA LYS C 34 5.96 -26.09 9.63
C LYS C 34 6.66 -24.76 9.75
N PRO C 35 5.96 -23.74 10.27
CA PRO C 35 4.67 -23.77 10.95
C PRO C 35 3.45 -23.38 10.10
N PHE C 36 3.64 -23.24 8.79
CA PHE C 36 2.59 -22.73 7.93
C PHE C 36 1.64 -23.81 7.45
N SER C 37 2.18 -24.99 7.24
CA SER C 37 1.44 -26.09 6.64
C SER C 37 2.20 -27.41 6.81
N TYR C 38 1.64 -28.31 7.62
CA TYR C 38 2.16 -29.66 7.80
C TYR C 38 1.01 -30.60 7.60
N ARG C 39 1.25 -31.71 6.92
CA ARG C 39 0.24 -32.74 6.80
C ARG C 39 0.42 -33.71 7.95
N THR C 40 -0.59 -33.78 8.81
CA THR C 40 -0.55 -34.70 9.95
C THR C 40 -0.41 -36.12 9.43
N GLU C 41 0.12 -37.00 10.27
CA GLU C 41 0.25 -38.41 9.89
C GLU C 41 -1.13 -39.03 9.81
N GLU C 42 -2.15 -38.38 10.36
CA GLU C 42 -3.54 -38.75 10.04
C GLU C 42 -3.86 -38.62 8.54
N GLY C 43 -3.28 -37.61 7.89
CA GLY C 43 -3.70 -37.20 6.53
C GLY C 43 -4.40 -35.83 6.41
N GLY C 44 -4.91 -35.35 7.54
CA GLY C 44 -5.37 -33.97 7.64
C GLY C 44 -4.21 -32.97 7.67
N TYR C 45 -4.55 -31.69 7.56
CA TYR C 45 -3.56 -30.63 7.57
C TYR C 45 -3.59 -29.85 8.84
N ALA C 46 -2.54 -29.06 9.08
CA ALA C 46 -2.47 -28.15 10.24
C ALA C 46 -1.38 -27.10 10.00
N GLY C 47 -1.58 -25.90 10.54
CA GLY C 47 -0.60 -24.83 10.41
C GLY C 47 -1.22 -23.47 10.39
N PHE C 48 -0.36 -22.45 10.39
CA PHE C 48 -0.78 -21.05 10.35
C PHE C 48 -1.61 -20.75 9.10
N ASP C 49 -1.01 -20.94 7.93
CA ASP C 49 -1.68 -20.62 6.68
C ASP C 49 -2.94 -21.45 6.51
N VAL C 50 -3.00 -22.64 7.12
CA VAL C 50 -4.23 -23.45 7.11
C VAL C 50 -5.31 -22.80 7.99
N ASP C 51 -4.90 -22.50 9.21
CA ASP C 51 -5.71 -21.71 10.10
C ASP C 51 -6.26 -20.48 9.35
N MET C 52 -5.35 -19.70 8.79
CA MET C 52 -5.71 -18.49 8.09
C MET C 52 -6.56 -18.81 6.88
N ALA C 53 -6.31 -19.94 6.25
CA ALA C 53 -7.11 -20.32 5.11
C ALA C 53 -8.55 -20.50 5.56
N GLN C 54 -8.76 -21.22 6.66
CA GLN C 54 -10.10 -21.43 7.21
C GLN C 54 -10.82 -20.12 7.40
N ARG C 55 -10.13 -19.19 8.06
CA ARG C 55 -10.71 -17.90 8.37
C ARG C 55 -11.18 -17.18 7.13
N LEU C 56 -10.35 -17.23 6.10
CA LEU C 56 -10.74 -16.70 4.81
C LEU C 56 -12.02 -17.38 4.29
N ALA C 57 -12.03 -18.71 4.28
CA ALA C 57 -13.18 -19.42 3.82
C ALA C 57 -14.38 -19.02 4.66
N GLU C 58 -14.20 -18.93 5.97
CA GLU C 58 -15.31 -18.53 6.82
C GLU C 58 -15.90 -17.21 6.37
N SER C 59 -15.04 -16.26 6.07
CA SER C 59 -15.43 -14.90 5.79
C SER C 59 -16.24 -14.80 4.52
N LEU C 60 -16.14 -15.82 3.67
CA LEU C 60 -16.92 -15.88 2.42
C LEU C 60 -18.02 -16.95 2.44
N GLY C 61 -18.32 -17.47 3.63
CA GLY C 61 -19.29 -18.56 3.74
C GLY C 61 -18.94 -19.67 2.78
N ALA C 62 -17.64 -19.92 2.64
CA ALA C 62 -17.15 -20.95 1.79
C ALA C 62 -16.68 -22.10 2.63
N LYS C 63 -16.72 -23.30 2.07
CA LYS C 63 -16.14 -24.46 2.70
C LYS C 63 -14.68 -24.52 2.26
N LEU C 64 -13.81 -24.84 3.20
CA LEU C 64 -12.38 -24.96 2.89
C LEU C 64 -12.02 -26.31 2.19
N VAL C 65 -11.68 -26.25 0.93
CA VAL C 65 -11.17 -27.42 0.26
C VAL C 65 -9.66 -27.24 0.17
N VAL C 66 -8.91 -28.20 0.72
CA VAL C 66 -7.46 -28.12 0.66
C VAL C 66 -6.89 -28.95 -0.47
N VAL C 67 -6.18 -28.28 -1.36
CA VAL C 67 -5.55 -28.93 -2.51
C VAL C 67 -4.05 -29.13 -2.25
N PRO C 68 -3.58 -30.39 -2.27
CA PRO C 68 -2.16 -30.60 -2.05
C PRO C 68 -1.39 -30.17 -3.26
N THR C 69 -0.18 -29.67 -3.04
CA THR C 69 0.75 -29.31 -4.11
C THR C 69 2.17 -29.43 -3.57
N SER C 70 3.14 -29.21 -4.44
CA SER C 70 4.54 -29.27 -4.05
C SER C 70 5.24 -28.10 -4.70
N TRP C 71 6.38 -27.68 -4.12
CA TRP C 71 7.12 -26.56 -4.69
C TRP C 71 7.45 -26.75 -6.18
N PRO C 72 7.95 -27.95 -6.56
CA PRO C 72 8.18 -28.25 -7.96
C PRO C 72 6.93 -28.15 -8.83
N ASN C 73 5.77 -28.50 -8.29
CA ASN C 73 4.51 -28.48 -9.07
C ASN C 73 3.63 -27.28 -8.88
N LEU C 74 4.08 -26.36 -8.04
CA LEU C 74 3.25 -25.24 -7.67
C LEU C 74 2.72 -24.49 -8.89
N MET C 75 3.59 -24.16 -9.83
CA MET C 75 3.16 -23.26 -10.89
C MET C 75 2.48 -23.98 -12.05
N ARG C 76 2.79 -25.26 -12.24
CA ARG C 76 2.00 -26.12 -13.13
C ARG C 76 0.60 -26.12 -12.56
N ASP C 77 0.50 -26.48 -11.28
CA ASP C 77 -0.81 -26.57 -10.60
C ASP C 77 -1.53 -25.23 -10.72
N PHE C 78 -0.80 -24.15 -10.55
CA PHE C 78 -1.39 -22.83 -10.67
C PHE C 78 -1.95 -22.64 -12.08
N ALA C 79 -1.13 -22.80 -13.10
CA ALA C 79 -1.56 -22.60 -14.47
C ALA C 79 -2.68 -23.54 -14.86
N ASP C 80 -2.71 -24.74 -14.30
CA ASP C 80 -3.83 -25.67 -14.56
C ASP C 80 -5.09 -25.22 -13.81
N ASP C 81 -4.99 -24.14 -13.04
CA ASP C 81 -6.08 -23.63 -12.22
C ASP C 81 -6.56 -24.66 -11.19
N ARG C 82 -5.64 -25.44 -10.65
CA ARG C 82 -6.05 -26.49 -9.75
C ARG C 82 -6.45 -25.95 -8.39
N PHE C 83 -6.56 -24.62 -8.25
CA PHE C 83 -6.94 -24.02 -6.95
C PHE C 83 -7.26 -22.53 -7.05
N ASP C 84 -7.82 -21.99 -5.96
CA ASP C 84 -8.25 -20.58 -5.93
C ASP C 84 -7.20 -19.63 -5.35
N ILE C 85 -6.41 -20.15 -4.43
CA ILE C 85 -5.36 -19.38 -3.79
C ILE C 85 -4.35 -20.38 -3.19
N ALA C 86 -3.10 -19.96 -3.02
CA ALA C 86 -2.10 -20.82 -2.44
C ALA C 86 -1.60 -20.23 -1.11
N MET C 87 -1.73 -21.02 -0.05
CA MET C 87 -1.39 -20.59 1.30
C MET C 87 -0.50 -21.66 1.92
N SER C 88 0.79 -21.37 1.98
CA SER C 88 1.79 -22.39 2.31
C SER C 88 3.19 -21.80 2.58
N GLY C 89 3.25 -20.65 3.24
CA GLY C 89 4.55 -20.02 3.48
C GLY C 89 5.29 -19.69 2.18
N ILE C 90 4.56 -19.11 1.25
CA ILE C 90 5.07 -18.88 -0.08
C ILE C 90 5.79 -17.55 -0.18
N SER C 91 7.09 -17.61 -0.49
CA SER C 91 7.90 -16.43 -0.71
C SER C 91 7.51 -15.66 -1.96
N ILE C 92 7.20 -14.37 -1.82
CA ILE C 92 7.04 -13.53 -3.00
C ILE C 92 8.34 -13.43 -3.79
N ASN C 93 8.27 -13.77 -5.08
CA ASN C 93 9.34 -13.44 -6.00
C ASN C 93 8.82 -13.18 -7.40
N LEU C 94 9.70 -12.66 -8.26
CA LEU C 94 9.27 -12.11 -9.54
C LEU C 94 9.06 -13.20 -10.59
N GLU C 95 9.91 -14.22 -10.56
CA GLU C 95 9.71 -15.43 -11.35
C GLU C 95 8.25 -15.89 -11.29
N ARG C 96 7.67 -15.81 -10.09
CA ARG C 96 6.26 -16.11 -9.89
C ARG C 96 5.35 -14.97 -10.29
N GLN C 97 5.77 -13.74 -10.01
CA GLN C 97 5.00 -12.57 -10.44
C GLN C 97 4.67 -12.57 -11.96
N ARG C 98 5.49 -13.24 -12.73
CA ARG C 98 5.29 -13.38 -14.15
C ARG C 98 3.93 -13.92 -14.57
N GLN C 99 3.37 -14.84 -13.79
CA GLN C 99 2.11 -15.50 -14.17
C GLN C 99 0.97 -15.20 -13.21
N ALA C 100 1.34 -15.04 -11.95
CA ALA C 100 0.39 -15.05 -10.88
C ALA C 100 0.47 -13.75 -10.15
N TYR C 101 -0.54 -13.49 -9.34
CA TYR C 101 -0.60 -12.34 -8.45
C TYR C 101 -0.21 -12.78 -7.08
N PHE C 102 -0.02 -11.79 -6.22
CA PHE C 102 0.33 -12.04 -4.84
C PHE C 102 -0.45 -11.09 -3.93
N SER C 103 -0.95 -11.61 -2.81
CA SER C 103 -1.50 -10.75 -1.80
C SER C 103 -0.42 -9.79 -1.29
N ILE C 104 -0.87 -8.87 -0.45
CA ILE C 104 0.03 -8.09 0.38
C ILE C 104 0.74 -9.07 1.29
N PRO C 105 1.96 -8.72 1.67
CA PRO C 105 2.72 -9.69 2.42
C PRO C 105 2.17 -9.80 3.80
N TYR C 106 2.37 -10.94 4.43
CA TYR C 106 2.03 -11.11 5.83
C TYR C 106 3.24 -11.35 6.69
N LEU C 107 4.41 -11.42 6.07
CA LEU C 107 5.61 -11.63 6.83
C LEU C 107 6.81 -11.17 6.09
N ARG C 108 7.64 -10.38 6.78
CA ARG C 108 8.90 -9.93 6.26
C ARG C 108 9.89 -10.90 6.77
N ASP C 109 10.89 -11.16 5.97
CA ASP C 109 11.79 -12.22 6.33
C ASP C 109 12.99 -12.10 5.40
N GLY C 110 13.66 -13.23 5.22
CA GLY C 110 14.81 -13.31 4.37
C GLY C 110 15.48 -14.58 4.75
N LYS C 111 16.40 -15.03 3.92
CA LYS C 111 17.09 -16.29 4.17
C LYS C 111 18.17 -16.15 5.24
N THR C 112 18.22 -17.09 6.16
CA THR C 112 19.29 -17.12 7.13
C THR C 112 19.66 -18.57 7.45
N PRO C 113 20.87 -18.79 7.99
CA PRO C 113 21.31 -20.17 8.20
C PRO C 113 20.74 -20.83 9.43
N ILE C 114 20.64 -22.15 9.39
CA ILE C 114 20.46 -22.97 10.58
C ILE C 114 21.53 -24.05 10.55
N THR C 115 22.11 -24.29 11.72
CA THR C 115 23.26 -25.16 11.82
C THR C 115 23.38 -25.75 13.22
N LEU C 116 24.33 -26.65 13.40
CA LEU C 116 24.62 -27.16 14.72
C LEU C 116 25.10 -26.04 15.63
N CYS C 117 24.47 -25.97 16.79
CA CYS C 117 24.76 -24.94 17.76
C CYS C 117 26.26 -24.79 17.91
N SER C 118 26.92 -25.89 18.24
CA SER C 118 28.37 -25.94 18.33
C SER C 118 29.09 -25.24 17.18
N GLU C 119 28.64 -25.45 15.96
CA GLU C 119 29.39 -24.99 14.78
C GLU C 119 29.07 -23.57 14.38
N GLU C 120 28.12 -22.97 15.08
CA GLU C 120 27.57 -21.66 14.75
C GLU C 120 28.59 -20.66 14.18
N ALA C 121 29.61 -20.34 14.95
CA ALA C 121 30.59 -19.31 14.57
C ALA C 121 31.12 -19.42 13.13
N ARG C 122 31.15 -20.66 12.61
CA ARG C 122 31.73 -20.93 11.30
C ARG C 122 30.84 -20.54 10.11
N PHE C 123 29.57 -20.23 10.36
CA PHE C 123 28.59 -19.99 9.31
C PHE C 123 27.80 -18.70 9.55
N GLN C 124 28.51 -17.61 9.73
CA GLN C 124 27.88 -16.33 9.99
C GLN C 124 27.62 -15.54 8.71
N THR C 125 28.55 -15.65 7.76
CA THR C 125 28.50 -14.94 6.48
C THR C 125 28.50 -15.86 5.26
N LEU C 126 27.88 -15.42 4.16
CA LEU C 126 28.02 -16.14 2.89
C LEU C 126 29.48 -16.44 2.61
N GLU C 127 30.30 -15.43 2.85
CA GLU C 127 31.74 -15.50 2.71
C GLU C 127 32.28 -16.79 3.34
N GLN C 128 32.00 -17.01 4.62
CA GLN C 128 32.41 -18.25 5.29
C GLN C 128 31.79 -19.44 4.61
N ILE C 129 30.49 -19.33 4.34
CA ILE C 129 29.69 -20.47 3.92
C ILE C 129 30.05 -20.96 2.53
N ASP C 130 30.36 -20.07 1.60
CA ASP C 130 30.73 -20.52 0.27
C ASP C 130 32.20 -20.98 0.21
N GLN C 131 32.48 -22.07 0.92
CA GLN C 131 33.79 -22.71 0.88
C GLN C 131 33.62 -24.12 0.33
N PRO C 132 34.67 -24.66 -0.32
CA PRO C 132 34.60 -25.94 -1.03
C PRO C 132 34.29 -27.10 -0.11
N GLY C 133 34.80 -27.04 1.13
CA GLY C 133 34.54 -28.09 2.11
C GLY C 133 33.15 -28.14 2.73
N VAL C 134 32.25 -27.29 2.27
CA VAL C 134 30.98 -27.09 2.96
C VAL C 134 29.80 -27.67 2.18
N THR C 135 28.85 -28.21 2.93
CA THR C 135 27.62 -28.79 2.36
C THR C 135 26.43 -28.06 2.90
N ALA C 136 25.72 -27.41 2.00
CA ALA C 136 24.42 -26.85 2.32
C ALA C 136 23.35 -27.82 1.83
N ILE C 137 22.36 -28.09 2.67
CA ILE C 137 21.23 -28.94 2.28
C ILE C 137 20.00 -28.05 2.08
N VAL C 138 19.23 -28.34 1.03
CA VAL C 138 17.99 -27.58 0.74
C VAL C 138 16.92 -28.45 0.10
N ASN C 139 15.67 -28.07 0.29
CA ASN C 139 14.57 -28.77 -0.37
C ASN C 139 14.30 -28.21 -1.76
N PRO C 140 13.83 -29.07 -2.69
CA PRO C 140 13.90 -28.73 -4.10
C PRO C 140 12.69 -27.96 -4.57
N GLY C 141 12.95 -27.07 -5.52
CA GLY C 141 11.92 -26.43 -6.33
C GLY C 141 11.44 -25.06 -5.87
N GLY C 142 11.99 -24.56 -4.76
CA GLY C 142 11.52 -23.30 -4.16
C GLY C 142 12.64 -22.29 -3.99
N THR C 143 12.36 -21.21 -3.27
CA THR C 143 13.36 -20.14 -3.07
C THR C 143 14.60 -20.59 -2.29
N ASN C 144 14.45 -21.59 -1.43
CA ASN C 144 15.59 -22.14 -0.75
C ASN C 144 16.63 -22.66 -1.72
N GLU C 145 16.19 -23.47 -2.67
CA GLU C 145 17.08 -24.02 -3.72
C GLU C 145 17.58 -22.86 -4.56
N LYS C 146 16.64 -22.13 -5.13
CA LYS C 146 16.96 -21.01 -6.00
C LYS C 146 18.02 -20.13 -5.36
N PHE C 147 17.87 -19.85 -4.08
CA PHE C 147 18.83 -19.00 -3.36
C PHE C 147 20.19 -19.65 -3.19
N ALA C 148 20.21 -20.95 -2.90
CA ALA C 148 21.48 -21.64 -2.75
C ALA C 148 22.24 -21.69 -4.06
N ARG C 149 21.58 -22.18 -5.11
CA ARG C 149 22.19 -22.25 -6.46
C ARG C 149 22.74 -20.91 -6.90
N ALA C 150 21.98 -19.86 -6.64
CA ALA C 150 22.38 -18.52 -7.01
C ALA C 150 23.60 -18.05 -6.26
N ASN C 151 23.80 -18.52 -5.04
CA ASN C 151 24.83 -17.95 -4.15
C ASN C 151 26.03 -18.81 -3.85
N LEU C 152 25.91 -20.11 -4.07
CA LEU C 152 27.00 -20.98 -3.69
C LEU C 152 27.72 -21.49 -4.91
N LYS C 153 28.79 -20.78 -5.25
CA LYS C 153 29.61 -21.08 -6.44
C LYS C 153 30.69 -22.09 -6.10
N LYS C 154 31.00 -22.22 -4.79
CA LYS C 154 32.10 -23.07 -4.27
C LYS C 154 31.66 -24.31 -3.48
N ALA C 155 30.67 -24.14 -2.62
CA ALA C 155 30.24 -25.22 -1.74
C ALA C 155 29.31 -26.23 -2.45
N ARG C 156 29.00 -27.30 -1.73
CA ARG C 156 28.16 -28.33 -2.27
C ARG C 156 26.78 -28.15 -1.82
N ILE C 157 25.84 -28.42 -2.71
CA ILE C 157 24.45 -28.23 -2.41
C ILE C 157 23.70 -29.52 -2.47
N LEU C 158 23.27 -30.00 -1.32
CA LEU C 158 22.61 -31.30 -1.23
C LEU C 158 21.12 -31.09 -1.26
N VAL C 159 20.45 -31.78 -2.17
CA VAL C 159 19.01 -31.66 -2.34
C VAL C 159 18.27 -32.80 -1.68
N HIS C 160 17.51 -32.46 -0.66
CA HIS C 160 16.81 -33.43 0.12
C HIS C 160 15.34 -33.26 -0.13
N PRO C 161 14.72 -34.29 -0.75
CA PRO C 161 13.37 -34.13 -1.26
C PRO C 161 12.34 -33.89 -0.14
N ASP C 162 12.47 -34.53 1.01
CA ASP C 162 11.46 -34.35 2.06
C ASP C 162 11.82 -33.21 3.02
N ASN C 163 11.04 -32.13 2.96
CA ASN C 163 11.39 -30.97 3.75
C ASN C 163 11.16 -31.21 5.25
N VAL C 164 10.21 -32.07 5.60
CA VAL C 164 9.96 -32.32 7.01
C VAL C 164 11.18 -32.91 7.66
N THR C 165 11.77 -33.91 7.02
CA THR C 165 12.90 -34.62 7.60
C THR C 165 14.22 -33.87 7.48
N ILE C 166 14.28 -32.93 6.52
CA ILE C 166 15.52 -32.25 6.15
C ILE C 166 16.41 -31.76 7.29
N PHE C 167 15.84 -31.35 8.40
CA PHE C 167 16.65 -30.73 9.45
C PHE C 167 17.35 -31.74 10.32
N GLN C 168 16.72 -32.89 10.53
CA GLN C 168 17.40 -34.02 11.14
C GLN C 168 18.74 -34.28 10.44
N GLN C 169 18.79 -34.04 9.14
CA GLN C 169 20.00 -34.32 8.38
C GLN C 169 21.20 -33.60 8.96
N ILE C 170 20.95 -32.42 9.53
CA ILE C 170 22.02 -31.59 10.08
C ILE C 170 22.38 -32.09 11.46
N VAL C 171 21.35 -32.41 12.24
CA VAL C 171 21.51 -33.07 13.52
C VAL C 171 22.36 -34.31 13.29
N ASP C 172 21.98 -35.12 12.29
CA ASP C 172 22.71 -36.33 11.94
C ASP C 172 24.08 -36.05 11.34
N GLY C 173 24.32 -34.81 10.93
CA GLY C 173 25.63 -34.44 10.41
C GLY C 173 25.83 -34.80 8.95
N LYS C 174 24.75 -35.08 8.23
CA LYS C 174 24.82 -35.32 6.80
C LYS C 174 25.00 -34.02 6.01
N ALA C 175 24.81 -32.88 6.69
CA ALA C 175 25.17 -31.60 6.09
C ALA C 175 25.56 -30.62 7.18
N ASP C 176 26.23 -29.55 6.76
CA ASP C 176 26.71 -28.54 7.68
C ASP C 176 25.61 -27.55 8.08
N LEU C 177 24.85 -27.06 7.10
CA LEU C 177 23.77 -26.13 7.39
C LEU C 177 22.75 -26.07 6.29
N MET C 178 21.63 -25.43 6.61
CA MET C 178 20.63 -25.07 5.63
C MET C 178 20.43 -23.57 5.75
N MET C 179 20.15 -22.93 4.63
CA MET C 179 19.75 -21.53 4.63
C MET C 179 18.31 -21.49 4.18
N THR C 180 17.48 -21.11 5.14
CA THR C 180 16.05 -21.03 4.96
C THR C 180 15.49 -19.74 5.56
N ASP C 181 14.17 -19.61 5.51
CA ASP C 181 13.51 -18.46 6.08
C ASP C 181 13.81 -18.38 7.55
N ALA C 182 14.15 -17.19 8.02
CA ALA C 182 14.55 -17.02 9.42
C ALA C 182 13.48 -17.55 10.38
N ILE C 183 12.22 -17.48 9.98
CA ILE C 183 11.17 -18.06 10.82
C ILE C 183 11.26 -19.61 10.96
N GLU C 184 11.56 -20.30 9.88
CA GLU C 184 11.70 -21.74 9.93
C GLU C 184 12.96 -22.13 10.73
N ALA C 185 14.02 -21.36 10.55
CA ALA C 185 15.20 -21.63 11.31
C ALA C 185 14.87 -21.49 12.78
N ARG C 186 14.16 -20.43 13.14
CA ARG C 186 13.73 -20.23 14.53
C ARG C 186 13.01 -21.48 15.08
N LEU C 187 12.12 -22.05 14.26
CA LEU C 187 11.24 -23.13 14.70
C LEU C 187 11.91 -24.47 14.87
N GLN C 188 12.75 -24.79 13.90
CA GLN C 188 13.39 -26.08 13.88
C GLN C 188 14.35 -26.18 15.02
N SER C 189 15.02 -25.08 15.35
CA SER C 189 15.95 -25.07 16.47
C SER C 189 15.25 -25.27 17.78
N ARG C 190 13.95 -24.95 17.86
CA ARG C 190 13.11 -25.36 19.00
C ARG C 190 12.94 -26.88 19.02
N LEU C 191 12.46 -27.43 17.90
CA LEU C 191 12.20 -28.86 17.71
C LEU C 191 13.44 -29.78 17.71
N HIS C 192 14.54 -29.26 17.17
CA HIS C 192 15.85 -29.93 17.22
C HIS C 192 16.78 -29.10 18.09
N PRO C 193 16.76 -29.38 19.41
CA PRO C 193 17.64 -28.70 20.38
C PRO C 193 19.08 -28.52 19.91
N GLU C 194 19.54 -29.46 19.10
CA GLU C 194 20.90 -29.43 18.57
C GLU C 194 21.17 -28.25 17.67
N LEU C 195 20.13 -27.81 16.96
CA LEU C 195 20.31 -26.84 15.90
C LEU C 195 20.11 -25.43 16.40
N CYS C 196 20.67 -24.49 15.67
CA CYS C 196 20.72 -23.11 16.09
C CYS C 196 20.57 -22.17 14.91
N ALA C 197 19.57 -21.30 15.03
CA ALA C 197 19.15 -20.38 13.98
C ALA C 197 20.09 -19.21 13.99
N VAL C 198 20.73 -18.92 12.87
CA VAL C 198 21.85 -17.97 12.82
C VAL C 198 21.41 -16.55 12.48
N HIS C 199 21.63 -15.66 13.46
CA HIS C 199 21.19 -14.28 13.39
C HIS C 199 19.91 -14.13 12.56
N PRO C 200 18.82 -14.71 13.04
CA PRO C 200 17.56 -14.56 12.33
C PRO C 200 17.08 -13.13 12.23
N GLN C 201 17.40 -12.33 13.23
CA GLN C 201 17.03 -10.93 13.23
C GLN C 201 17.64 -10.23 12.01
N GLN C 202 18.78 -10.74 11.50
CA GLN C 202 19.53 -10.11 10.40
C GLN C 202 19.80 -11.11 9.25
N PRO C 203 18.80 -11.39 8.39
CA PRO C 203 18.94 -12.34 7.30
C PRO C 203 19.73 -11.80 6.14
N PHE C 204 20.22 -12.70 5.29
CA PHE C 204 21.11 -12.36 4.19
C PHE C 204 20.49 -11.54 3.10
N ASP C 205 19.20 -11.76 2.86
CA ASP C 205 18.52 -10.98 1.84
C ASP C 205 17.14 -10.62 2.34
N PHE C 206 16.36 -9.98 1.49
CA PHE C 206 15.03 -9.61 1.86
C PHE C 206 13.98 -10.36 1.02
N ALA C 207 12.97 -10.92 1.68
CA ALA C 207 11.81 -11.41 0.96
C ALA C 207 10.62 -11.49 1.86
N GLU C 208 9.46 -11.57 1.22
CA GLU C 208 8.19 -11.57 1.92
C GLU C 208 7.44 -12.87 1.74
N LYS C 209 6.58 -13.15 2.69
CA LYS C 209 5.59 -14.18 2.53
C LYS C 209 4.28 -13.51 2.15
N ALA C 210 3.56 -14.14 1.23
CA ALA C 210 2.28 -13.66 0.73
C ALA C 210 1.61 -14.84 0.10
N TYR C 211 0.33 -14.70 -0.17
CA TYR C 211 -0.47 -15.77 -0.74
C TYR C 211 -0.57 -15.60 -2.25
N LEU C 212 -0.31 -16.69 -2.97
CA LEU C 212 -0.33 -16.69 -4.43
C LEU C 212 -1.73 -16.69 -4.93
N LEU C 213 -2.03 -15.75 -5.83
CA LEU C 213 -3.38 -15.60 -6.35
C LEU C 213 -3.41 -15.64 -7.86
N PRO C 214 -4.55 -16.02 -8.45
CA PRO C 214 -4.72 -15.75 -9.87
C PRO C 214 -4.72 -14.23 -10.16
N ARG C 215 -4.64 -13.87 -11.43
CA ARG C 215 -4.75 -12.46 -11.81
C ARG C 215 -6.21 -11.99 -11.78
N ASP C 216 -6.71 -11.70 -10.59
CA ASP C 216 -8.12 -11.37 -10.39
C ASP C 216 -8.23 -10.20 -9.39
N GLU C 217 -8.49 -9.01 -9.91
CA GLU C 217 -8.34 -7.80 -9.12
C GLU C 217 -9.26 -7.87 -7.93
N ALA C 218 -10.52 -8.12 -8.21
CA ALA C 218 -11.55 -8.05 -7.20
C ALA C 218 -11.30 -9.00 -6.05
N PHE C 219 -10.68 -10.13 -6.39
CA PHE C 219 -10.41 -11.14 -5.42
C PHE C 219 -9.21 -10.75 -4.56
N LYS C 220 -8.12 -10.37 -5.23
CA LYS C 220 -6.96 -9.76 -4.58
C LYS C 220 -7.41 -8.66 -3.62
N ARG C 221 -8.09 -7.65 -4.14
CA ARG C 221 -8.61 -6.57 -3.29
C ARG C 221 -9.31 -7.11 -2.06
N TYR C 222 -10.07 -8.21 -2.18
CA TYR C 222 -10.75 -8.78 -1.01
C TYR C 222 -9.75 -9.37 -0.08
N VAL C 223 -8.93 -10.25 -0.63
CA VAL C 223 -7.97 -10.99 0.18
C VAL C 223 -7.09 -10.02 0.94
N ASP C 224 -6.57 -9.03 0.22
CA ASP C 224 -5.88 -7.94 0.84
C ASP C 224 -6.65 -7.32 1.99
N GLN C 225 -7.88 -6.90 1.75
CA GLN C 225 -8.63 -6.25 2.84
C GLN C 225 -8.67 -7.17 4.02
N TRP C 226 -9.02 -8.44 3.79
CA TRP C 226 -9.13 -9.46 4.84
C TRP C 226 -7.85 -9.60 5.61
N LEU C 227 -6.78 -9.72 4.85
CA LEU C 227 -5.44 -9.90 5.43
C LEU C 227 -4.96 -8.64 6.14
N HIS C 228 -5.24 -7.50 5.52
CA HIS C 228 -4.88 -6.22 6.09
C HIS C 228 -5.53 -6.03 7.46
N ILE C 229 -6.79 -6.39 7.56
CA ILE C 229 -7.48 -6.33 8.84
C ILE C 229 -6.82 -7.25 9.84
N ALA C 230 -6.68 -8.51 9.46
CA ALA C 230 -6.13 -9.49 10.35
C ALA C 230 -4.81 -8.96 10.93
N GLU C 231 -3.96 -8.47 10.03
CA GLU C 231 -2.66 -7.87 10.38
C GLU C 231 -2.85 -6.82 11.45
N GLN C 232 -3.61 -5.78 11.10
CA GLN C 232 -3.81 -4.61 11.95
C GLN C 232 -4.61 -4.87 13.22
N SER C 233 -5.49 -5.86 13.21
CA SER C 233 -6.18 -6.24 14.44
C SER C 233 -5.24 -6.92 15.45
N GLY C 234 -4.08 -7.40 15.01
CA GLY C 234 -3.15 -8.15 15.84
C GLY C 234 -3.38 -9.66 15.76
N LEU C 235 -4.39 -10.06 15.00
CA LEU C 235 -4.79 -11.45 14.89
C LEU C 235 -3.72 -12.19 14.14
N LEU C 236 -3.21 -11.56 13.10
CA LEU C 236 -2.12 -12.13 12.34
C LEU C 236 -0.94 -12.50 13.26
N ARG C 237 -0.34 -11.48 13.87
CA ARG C 237 0.77 -11.70 14.78
C ARG C 237 0.43 -12.67 15.89
N GLN C 238 -0.81 -12.67 16.33
CA GLN C 238 -1.22 -13.52 17.44
C GLN C 238 -1.16 -14.97 17.03
N ARG C 239 -1.89 -15.30 15.98
CA ARG C 239 -1.99 -16.67 15.52
C ARG C 239 -0.64 -17.16 15.06
N MET C 240 0.14 -16.23 14.49
CA MET C 240 1.49 -16.53 14.08
C MET C 240 2.27 -17.13 15.24
N GLU C 241 2.33 -16.40 16.35
CA GLU C 241 3.08 -16.86 17.54
C GLU C 241 2.53 -18.21 18.00
N HIS C 242 1.21 -18.30 18.12
CA HIS C 242 0.56 -19.54 18.49
C HIS C 242 1.23 -20.71 17.78
N TRP C 243 1.21 -20.68 16.45
CA TRP C 243 1.66 -21.82 15.66
C TRP C 243 3.14 -22.05 15.81
N LEU C 244 3.90 -21.00 16.08
CA LEU C 244 5.33 -21.19 16.38
C LEU C 244 5.59 -21.95 17.66
N GLU C 245 4.83 -21.63 18.71
CA GLU C 245 5.03 -22.24 20.04
C GLU C 245 4.23 -23.54 20.17
N TYR C 246 3.37 -23.80 19.19
CA TYR C 246 2.62 -25.05 19.07
C TYR C 246 3.49 -26.29 19.16
N ARG C 247 2.96 -27.36 19.76
CA ARG C 247 3.74 -28.58 20.02
C ARG C 247 3.65 -29.51 18.82
N TRP C 248 4.46 -29.19 17.80
CA TRP C 248 4.62 -30.03 16.62
C TRP C 248 5.32 -31.37 16.93
N PRO C 249 5.08 -32.41 16.11
CA PRO C 249 6.00 -33.53 16.14
C PRO C 249 7.35 -33.08 15.55
N THR C 250 8.37 -33.92 15.62
CA THR C 250 9.69 -33.47 15.19
C THR C 250 9.93 -33.69 13.70
N ALA C 251 9.53 -34.84 13.20
CA ALA C 251 9.47 -35.02 11.78
C ALA C 251 8.06 -35.44 11.48
N HIS C 252 7.84 -36.73 11.22
CA HIS C 252 6.47 -37.24 11.03
C HIS C 252 5.95 -38.07 12.21
C ACT D . 8.06 16.68 -13.73
O ACT D . 7.29 15.73 -13.52
OXT ACT D . 7.68 17.84 -14.10
CH3 ACT D . 9.50 16.36 -13.50
C ACT E . -20.49 2.21 9.54
O ACT E . -21.63 1.91 10.01
OXT ACT E . -20.03 1.68 8.52
CH3 ACT E . -19.66 3.25 10.23
C ACT F . 9.16 -20.86 -1.00
O ACT F . 8.12 -20.24 -0.75
OXT ACT F . 9.45 -21.25 -2.14
CH3 ACT F . 10.06 -21.12 0.19
#